data_9VPS
#
_entry.id   9VPS
#
_cell.length_a   139.755
_cell.length_b   146.734
_cell.length_c   65.784
_cell.angle_alpha   90.00
_cell.angle_beta   90.00
_cell.angle_gamma   90.00
#
_symmetry.space_group_name_H-M   'P 21 21 2'
#
loop_
_entity.id
_entity.type
_entity.pdbx_description
1 polymer 'Dihydroorotate dehydrogenase (fumarate)'
2 non-polymer 1-DEOXY-1-(7,8-DIMETHYL-2,4-DIOXO-3,4-DIHYDRO-2H-BENZO[G]PTERIDIN-1-ID-10(5H)-YL)-5-O-PHOSPHONATO-D-RIBITOL
3 non-polymer 'MALONATE ION'
4 non-polymer 'SULFITE ION'
5 water water
#
_entity_poly.entity_id   1
_entity_poly.type   'polypeptide(L)'
_entity_poly.pdbx_seq_one_letter_code
;GPGSMSLKVNILGHEFSNPFMNAAGVLCTTEEDLRRMTESESGSLIGKSCTLAPRTGNPEPRYFGLPLGSINSMGLPNLG
VDFYLSYAAQTHDYSRKPLFLSMSGLSVEESVEMVKKLVPITKEKGTILELNLSAPNVPGKPQVGYDFDTTRTYLQKVSE
AYGLPFGVKMPPYFDIAHFDMAAAVLNDFPLVKFITCVNSIGNGLVIDPANETVVIKPKQGFGGLGGKYVLPTALANVNA
FFRRCPDKLVFGCGGVYSGEEAFLHILAGASMVQVGTALHDEGPIIFARLNKELQEIMTNKGYKTLDEFRGRVKTMD
;
_entity_poly.pdbx_strand_id   A,C,B,D
#
# COMPACT_ATOMS: atom_id res chain seq x y z
N MET A 5 -28.07 -16.14 15.73
CA MET A 5 -27.02 -15.10 15.84
C MET A 5 -27.20 -14.28 17.12
N SER A 6 -26.08 -13.75 17.65
CA SER A 6 -26.06 -13.12 18.96
C SER A 6 -25.04 -11.99 19.05
N LEU A 7 -25.47 -10.86 19.63
CA LEU A 7 -24.57 -9.75 19.98
C LEU A 7 -24.17 -9.80 21.44
N LYS A 8 -24.49 -10.91 22.14
CA LYS A 8 -24.31 -11.01 23.58
C LYS A 8 -22.84 -10.92 23.95
N VAL A 9 -22.58 -10.32 25.12
CA VAL A 9 -21.26 -10.20 25.71
C VAL A 9 -21.34 -10.67 27.16
N ASN A 10 -20.44 -11.59 27.54
CA ASN A 10 -20.35 -12.10 28.90
C ASN A 10 -19.04 -11.62 29.52
N ILE A 11 -19.12 -10.52 30.30
CA ILE A 11 -17.96 -9.99 31.00
C ILE A 11 -18.40 -9.46 32.36
N LEU A 12 -17.45 -9.39 33.29
CA LEU A 12 -17.64 -8.77 34.60
C LEU A 12 -18.82 -9.40 35.34
N GLY A 13 -19.19 -10.64 34.97
CA GLY A 13 -20.25 -11.37 35.65
C GLY A 13 -21.64 -11.18 35.03
N HIS A 14 -21.79 -10.31 34.02
CA HIS A 14 -23.10 -9.99 33.47
C HIS A 14 -23.23 -10.53 32.03
N GLU A 15 -24.48 -10.78 31.61
CA GLU A 15 -24.82 -10.96 30.21
C GLU A 15 -25.36 -9.63 29.68
N PHE A 16 -24.54 -8.94 28.87
CA PHE A 16 -24.98 -7.77 28.13
C PHE A 16 -25.65 -8.25 26.85
N SER A 17 -26.82 -7.66 26.52
CA SER A 17 -27.58 -8.05 25.33
C SER A 17 -26.79 -7.76 24.05
N ASN A 18 -25.95 -6.72 24.10
CA ASN A 18 -25.16 -6.28 22.97
C ASN A 18 -24.00 -5.46 23.53
N PRO A 19 -22.96 -5.13 22.74
CA PRO A 19 -21.77 -4.48 23.28
C PRO A 19 -21.86 -2.96 23.43
N PHE A 20 -23.00 -2.36 23.06
CA PHE A 20 -23.11 -0.91 22.92
C PHE A 20 -23.54 -0.25 24.22
N MET A 21 -22.94 0.91 24.50
CA MET A 21 -23.37 1.80 25.57
C MET A 21 -23.03 3.23 25.18
N ASN A 22 -23.51 4.19 25.98
CA ASN A 22 -23.13 5.59 25.82
C ASN A 22 -21.69 5.76 26.28
N ALA A 23 -20.99 6.75 25.68
CA ALA A 23 -19.77 7.28 26.25
C ALA A 23 -20.12 8.16 27.44
N ALA A 24 -19.31 8.11 28.51
CA ALA A 24 -19.53 8.96 29.67
C ALA A 24 -19.62 10.41 29.23
N GLY A 25 -20.61 11.14 29.77
CA GLY A 25 -20.83 12.53 29.43
C GLY A 25 -21.99 12.75 28.45
N VAL A 26 -22.37 11.72 27.68
CA VAL A 26 -23.43 11.87 26.67
C VAL A 26 -24.67 11.10 27.14
N LEU A 27 -25.81 11.80 27.19
CA LEU A 27 -27.11 11.26 27.57
C LEU A 27 -27.03 10.50 28.89
N CYS A 28 -26.45 11.11 29.93
CA CYS A 28 -26.29 10.41 31.20
C CYS A 28 -26.11 11.32 32.41
N THR A 29 -26.54 12.58 32.33
CA THR A 29 -26.31 13.53 33.41
C THR A 29 -27.48 13.56 34.39
N THR A 30 -28.72 13.55 33.84
CA THR A 30 -29.93 13.69 34.64
C THR A 30 -30.64 12.35 34.74
N GLU A 31 -31.64 12.29 35.64
CA GLU A 31 -32.49 11.11 35.77
C GLU A 31 -33.18 10.83 34.45
N GLU A 32 -33.65 11.88 33.77
CA GLU A 32 -34.32 11.74 32.49
C GLU A 32 -33.37 11.12 31.46
N ASP A 33 -32.12 11.61 31.39
CA ASP A 33 -31.10 11.07 30.50
C ASP A 33 -30.93 9.57 30.72
N LEU A 34 -30.76 9.18 31.99
CA LEU A 34 -30.48 7.81 32.37
C LEU A 34 -31.68 6.89 32.07
N ARG A 35 -32.89 7.43 32.22
CA ARG A 35 -34.11 6.70 31.87
C ARG A 35 -34.11 6.37 30.38
N ARG A 36 -33.77 7.37 29.55
CA ARG A 36 -33.80 7.21 28.10
C ARG A 36 -32.74 6.20 27.66
N MET A 37 -31.56 6.22 28.31
CA MET A 37 -30.53 5.23 28.03
C MET A 37 -31.00 3.84 28.45
N THR A 38 -31.67 3.72 29.60
CA THR A 38 -32.14 2.43 30.08
C THR A 38 -33.22 1.87 29.15
N GLU A 39 -34.08 2.74 28.62
CA GLU A 39 -35.17 2.35 27.73
C GLU A 39 -34.68 2.07 26.31
N SER A 40 -33.45 2.51 25.97
CA SER A 40 -32.88 2.28 24.66
C SER A 40 -32.53 0.80 24.47
N GLU A 41 -32.13 0.46 23.24
CA GLU A 41 -31.68 -0.88 22.89
C GLU A 41 -30.22 -1.11 23.30
N SER A 42 -29.60 -0.15 23.99
CA SER A 42 -28.19 -0.27 24.39
C SER A 42 -28.00 -1.48 25.29
N GLY A 43 -26.84 -2.13 25.18
CA GLY A 43 -26.47 -3.21 26.07
C GLY A 43 -26.20 -2.75 27.50
N SER A 44 -25.73 -1.49 27.64
CA SER A 44 -25.46 -0.93 28.95
C SER A 44 -25.56 0.60 28.90
N LEU A 45 -25.18 1.22 30.01
CA LEU A 45 -25.11 2.67 30.11
C LEU A 45 -24.15 3.04 31.23
N ILE A 46 -23.62 4.27 31.16
CA ILE A 46 -22.70 4.79 32.17
C ILE A 46 -23.14 6.20 32.55
N GLY A 47 -23.13 6.47 33.86
CA GLY A 47 -23.46 7.78 34.40
C GLY A 47 -22.40 8.82 34.06
N LYS A 48 -22.82 10.09 34.04
CA LYS A 48 -21.93 11.21 33.82
C LYS A 48 -20.78 11.15 34.83
N SER A 49 -19.56 11.42 34.37
CA SER A 49 -18.41 11.57 35.26
C SER A 49 -18.75 12.59 36.34
N CYS A 50 -18.74 12.15 37.61
CA CYS A 50 -19.26 12.96 38.69
C CYS A 50 -18.13 13.38 39.65
N THR A 51 -18.46 14.36 40.50
CA THR A 51 -17.57 14.92 41.53
C THR A 51 -18.32 14.84 42.86
N LEU A 52 -17.60 15.04 43.97
CA LEU A 52 -18.16 14.88 45.32
C LEU A 52 -19.34 15.84 45.51
N ALA A 53 -19.16 17.09 45.06
CA ALA A 53 -20.18 18.12 45.10
C ALA A 53 -20.71 18.34 43.70
N PRO A 54 -21.95 18.87 43.51
CA PRO A 54 -22.42 19.23 42.17
C PRO A 54 -21.55 20.25 41.46
N ARG A 55 -21.60 20.23 40.14
CA ARG A 55 -20.96 21.24 39.30
C ARG A 55 -21.95 21.64 38.20
N THR A 56 -21.91 22.92 37.79
CA THR A 56 -22.72 23.39 36.66
C THR A 56 -21.87 23.43 35.39
N GLY A 57 -20.55 23.34 35.55
CA GLY A 57 -19.65 23.24 34.41
C GLY A 57 -19.23 24.60 33.86
N ASN A 58 -18.66 24.57 32.66
CA ASN A 58 -18.05 25.74 32.04
C ASN A 58 -19.10 26.66 31.42
N PRO A 59 -18.74 27.94 31.14
CA PRO A 59 -19.65 28.87 30.49
C PRO A 59 -19.96 28.52 29.04
N GLU A 60 -21.07 29.06 28.54
CA GLU A 60 -21.53 28.85 27.17
C GLU A 60 -20.92 29.86 26.19
N PRO A 61 -20.78 29.53 24.89
CA PRO A 61 -21.04 28.17 24.38
C PRO A 61 -19.90 27.19 24.65
N ARG A 62 -20.24 25.93 24.97
CA ARG A 62 -19.23 24.95 25.38
C ARG A 62 -19.34 23.64 24.60
N TYR A 63 -20.20 23.59 23.58
CA TYR A 63 -20.33 22.42 22.71
C TYR A 63 -20.56 22.93 21.30
N PHE A 64 -19.85 22.36 20.32
CA PHE A 64 -20.02 22.74 18.93
C PHE A 64 -19.92 21.50 18.06
N GLY A 65 -21.03 21.15 17.40
CA GLY A 65 -21.04 20.08 16.42
C GLY A 65 -20.25 20.48 15.18
N LEU A 66 -19.46 19.53 14.65
CA LEU A 66 -18.61 19.76 13.49
C LEU A 66 -18.97 18.75 12.40
N PRO A 67 -18.69 19.04 11.11
CA PRO A 67 -18.84 18.04 10.05
C PRO A 67 -18.17 16.69 10.35
N LEU A 68 -16.99 16.70 11.00
CA LEU A 68 -16.22 15.50 11.26
C LEU A 68 -16.29 15.07 12.72
N GLY A 69 -17.15 15.71 13.53
CA GLY A 69 -17.34 15.25 14.90
C GLY A 69 -17.86 16.36 15.82
N SER A 70 -17.11 16.63 16.89
CA SER A 70 -17.52 17.61 17.88
C SER A 70 -16.29 18.18 18.59
N ILE A 71 -16.45 19.39 19.13
CA ILE A 71 -15.51 19.95 20.08
C ILE A 71 -16.33 20.40 21.30
N ASN A 72 -15.82 20.13 22.50
CA ASN A 72 -16.56 20.52 23.70
C ASN A 72 -15.61 20.86 24.85
N SER A 73 -16.09 21.71 25.76
CA SER A 73 -15.44 21.99 27.03
C SER A 73 -16.53 22.09 28.10
N MET A 74 -17.22 20.97 28.35
CA MET A 74 -18.37 20.95 29.24
C MET A 74 -17.96 21.35 30.67
N GLY A 75 -16.84 20.79 31.17
CA GLY A 75 -16.33 21.12 32.49
C GLY A 75 -16.97 20.28 33.61
N LEU A 76 -17.32 19.02 33.30
CA LEU A 76 -17.83 18.08 34.28
C LEU A 76 -19.10 18.60 34.97
N PRO A 77 -20.11 19.10 34.23
CA PRO A 77 -21.40 19.40 34.85
C PRO A 77 -22.04 18.11 35.35
N ASN A 78 -22.42 18.07 36.63
CA ASN A 78 -22.92 16.84 37.21
C ASN A 78 -23.68 17.13 38.51
N LEU A 79 -24.59 16.21 38.87
CA LEU A 79 -25.52 16.43 39.97
C LEU A 79 -24.90 16.01 41.31
N GLY A 80 -23.62 15.62 41.28
CA GLY A 80 -22.89 15.25 42.48
C GLY A 80 -22.99 13.75 42.74
N VAL A 81 -21.98 13.19 43.42
CA VAL A 81 -21.86 11.75 43.57
C VAL A 81 -23.11 11.17 44.25
N ASP A 82 -23.71 11.89 45.22
CA ASP A 82 -24.86 11.37 45.94
C ASP A 82 -26.03 11.10 45.00
N PHE A 83 -26.20 11.91 43.95
CA PHE A 83 -27.27 11.73 42.99
C PHE A 83 -27.10 10.40 42.24
N TYR A 84 -25.89 10.15 41.72
CA TYR A 84 -25.64 8.97 40.90
C TYR A 84 -25.68 7.71 41.77
N LEU A 85 -25.18 7.80 43.01
CA LEU A 85 -25.27 6.69 43.95
C LEU A 85 -26.74 6.36 44.23
N SER A 86 -27.56 7.39 44.44
CA SER A 86 -28.99 7.19 44.70
C SER A 86 -29.68 6.58 43.48
N TYR A 87 -29.28 7.04 42.27
CA TYR A 87 -29.79 6.45 41.04
C TYR A 87 -29.46 4.96 41.00
N ALA A 88 -28.20 4.62 41.30
CA ALA A 88 -27.68 3.26 41.22
C ALA A 88 -28.36 2.35 42.24
N ALA A 89 -28.69 2.91 43.41
CA ALA A 89 -29.17 2.13 44.55
C ALA A 89 -30.69 1.92 44.49
N GLN A 90 -31.43 2.88 43.91
CA GLN A 90 -32.88 2.94 44.06
C GLN A 90 -33.62 3.00 42.72
N THR A 91 -33.08 3.71 41.72
CA THR A 91 -33.86 4.06 40.54
C THR A 91 -33.60 3.08 39.40
N HIS A 92 -32.33 2.76 39.13
CA HIS A 92 -31.97 2.02 37.93
C HIS A 92 -32.62 0.65 37.91
N ASP A 93 -33.16 0.27 36.74
CA ASP A 93 -33.71 -1.06 36.50
C ASP A 93 -32.61 -1.99 35.99
N TYR A 94 -32.07 -2.83 36.90
CA TYR A 94 -30.97 -3.74 36.60
C TYR A 94 -31.46 -4.93 35.77
N SER A 95 -32.77 -5.21 35.79
CA SER A 95 -33.36 -6.26 34.97
C SER A 95 -33.25 -5.91 33.49
N ARG A 96 -33.14 -4.61 33.14
CA ARG A 96 -33.01 -4.21 31.75
C ARG A 96 -31.55 -4.28 31.29
N LYS A 97 -30.62 -3.73 32.08
CA LYS A 97 -29.20 -3.77 31.73
C LYS A 97 -28.35 -3.35 32.92
N PRO A 98 -27.07 -3.80 32.97
CA PRO A 98 -26.14 -3.35 34.00
C PRO A 98 -25.81 -1.87 33.91
N LEU A 99 -25.35 -1.32 35.03
CA LEU A 99 -25.04 0.10 35.17
C LEU A 99 -23.57 0.30 35.54
N PHE A 100 -22.92 1.21 34.81
CA PHE A 100 -21.62 1.74 35.16
C PHE A 100 -21.80 3.16 35.72
N LEU A 101 -20.96 3.54 36.67
CA LEU A 101 -20.83 4.93 37.10
C LEU A 101 -19.40 5.38 36.83
N SER A 102 -19.26 6.56 36.20
CA SER A 102 -17.97 7.21 36.02
C SER A 102 -17.73 8.17 37.18
N MET A 103 -16.56 8.06 37.82
CA MET A 103 -16.18 8.97 38.89
C MET A 103 -14.90 9.70 38.51
N SER A 104 -14.95 11.03 38.67
CA SER A 104 -13.91 11.92 38.17
C SER A 104 -13.64 13.00 39.22
N GLY A 105 -13.32 12.58 40.45
CA GLY A 105 -12.88 13.52 41.47
C GLY A 105 -11.68 14.31 40.98
N LEU A 106 -11.54 15.57 41.42
CA LEU A 106 -10.48 16.45 40.92
C LEU A 106 -9.20 16.34 41.76
N SER A 107 -9.18 15.42 42.73
CA SER A 107 -8.00 15.07 43.51
C SER A 107 -8.12 13.62 43.96
N VAL A 108 -7.00 13.00 44.35
CA VAL A 108 -7.03 11.62 44.84
C VAL A 108 -7.86 11.56 46.12
N GLU A 109 -7.78 12.62 46.96
CA GLU A 109 -8.52 12.68 48.21
C GLU A 109 -10.02 12.61 47.92
N GLU A 110 -10.47 13.37 46.89
CA GLU A 110 -11.86 13.42 46.49
C GLU A 110 -12.32 12.06 45.96
N SER A 111 -11.50 11.42 45.11
CA SER A 111 -11.83 10.13 44.51
C SER A 111 -12.02 9.06 45.59
N VAL A 112 -11.09 9.04 46.57
CA VAL A 112 -11.12 8.07 47.66
C VAL A 112 -12.45 8.18 48.39
N GLU A 113 -12.86 9.41 48.73
CA GLU A 113 -14.13 9.63 49.43
C GLU A 113 -15.29 9.12 48.58
N MET A 114 -15.25 9.38 47.27
CA MET A 114 -16.33 8.99 46.38
C MET A 114 -16.44 7.47 46.26
N VAL A 115 -15.32 6.78 45.99
CA VAL A 115 -15.38 5.36 45.70
C VAL A 115 -15.75 4.58 46.96
N LYS A 116 -15.38 5.11 48.15
CA LYS A 116 -15.76 4.50 49.41
C LYS A 116 -17.29 4.43 49.52
N LYS A 117 -17.99 5.46 49.02
CA LYS A 117 -19.44 5.53 49.10
C LYS A 117 -20.09 4.50 48.16
N LEU A 118 -19.38 4.11 47.09
CA LEU A 118 -19.91 3.21 46.08
C LEU A 118 -19.85 1.75 46.55
N VAL A 119 -18.90 1.41 47.45
CA VAL A 119 -18.66 0.03 47.85
C VAL A 119 -19.97 -0.69 48.19
N PRO A 120 -20.80 -0.19 49.15
CA PRO A 120 -22.03 -0.90 49.54
C PRO A 120 -23.03 -1.07 48.40
N ILE A 121 -23.04 -0.14 47.44
CA ILE A 121 -23.97 -0.18 46.32
C ILE A 121 -23.50 -1.21 45.29
N THR A 122 -22.18 -1.27 45.01
CA THR A 122 -21.63 -2.34 44.17
C THR A 122 -21.98 -3.71 44.76
N LYS A 123 -21.82 -3.85 46.09
CA LYS A 123 -22.04 -5.11 46.77
C LYS A 123 -23.52 -5.53 46.69
N GLU A 124 -24.44 -4.55 46.79
CA GLU A 124 -25.86 -4.82 46.81
C GLU A 124 -26.43 -4.98 45.40
N LYS A 125 -26.03 -4.09 44.47
CA LYS A 125 -26.70 -3.95 43.19
C LYS A 125 -25.82 -4.39 42.00
N GLY A 126 -24.50 -4.41 42.19
CA GLY A 126 -23.57 -4.83 41.15
C GLY A 126 -23.11 -3.68 40.24
N THR A 127 -23.39 -2.44 40.65
CA THR A 127 -22.95 -1.24 39.94
C THR A 127 -21.44 -1.31 39.70
N ILE A 128 -21.00 -0.93 38.49
CA ILE A 128 -19.59 -1.03 38.08
C ILE A 128 -18.98 0.38 38.03
N LEU A 129 -17.73 0.50 38.52
CA LEU A 129 -17.00 1.76 38.54
C LEU A 129 -16.08 1.90 37.32
N GLU A 130 -16.17 3.05 36.62
CA GLU A 130 -15.17 3.53 35.67
C GLU A 130 -14.52 4.79 36.25
N LEU A 131 -13.27 4.67 36.74
CA LEU A 131 -12.48 5.79 37.24
C LEU A 131 -11.96 6.60 36.06
N ASN A 132 -12.31 7.90 36.02
CA ASN A 132 -11.90 8.75 34.90
C ASN A 132 -10.53 9.36 35.19
N LEU A 133 -9.55 9.03 34.33
CA LEU A 133 -8.20 9.58 34.44
C LEU A 133 -7.90 10.49 33.25
N SER A 134 -8.95 11.10 32.66
N SER A 134 -8.94 11.09 32.66
CA SER A 134 -8.80 11.83 31.41
CA SER A 134 -8.80 11.83 31.41
C SER A 134 -9.86 12.92 31.26
C SER A 134 -9.86 12.91 31.27
N ALA A 135 -9.92 13.86 32.21
N ALA A 135 -9.92 13.86 32.21
CA ALA A 135 -10.86 14.97 32.10
CA ALA A 135 -10.86 14.97 32.10
C ALA A 135 -10.13 16.19 31.54
C ALA A 135 -10.14 16.19 31.54
N PRO A 136 -10.17 16.43 30.19
CA PRO A 136 -9.36 17.49 29.58
C PRO A 136 -9.94 18.90 29.60
N ASN A 137 -11.16 19.08 30.14
CA ASN A 137 -11.84 20.37 30.05
C ASN A 137 -12.06 21.05 31.40
N VAL A 138 -11.32 20.63 32.44
CA VAL A 138 -11.40 21.26 33.74
C VAL A 138 -10.26 22.26 33.86
N PRO A 139 -10.52 23.59 33.85
CA PRO A 139 -9.45 24.57 33.90
C PRO A 139 -8.51 24.36 35.08
N GLY A 140 -7.21 24.28 34.79
CA GLY A 140 -6.18 24.21 35.82
C GLY A 140 -5.88 22.79 36.30
N LYS A 141 -6.57 21.78 35.75
CA LYS A 141 -6.37 20.40 36.15
C LYS A 141 -5.82 19.59 34.97
N PRO A 142 -4.53 19.19 34.99
CA PRO A 142 -3.99 18.34 33.93
C PRO A 142 -4.65 16.97 33.88
N GLN A 143 -4.56 16.31 32.73
CA GLN A 143 -5.10 14.96 32.59
C GLN A 143 -4.21 14.00 33.37
N VAL A 144 -4.80 13.28 34.35
CA VAL A 144 -4.05 12.42 35.26
C VAL A 144 -3.29 11.34 34.46
N GLY A 145 -3.92 10.83 33.40
CA GLY A 145 -3.36 9.72 32.62
C GLY A 145 -2.06 10.04 31.90
N TYR A 146 -1.72 11.33 31.77
CA TYR A 146 -0.48 11.75 31.14
C TYR A 146 0.65 11.89 32.17
N ASP A 147 0.33 11.70 33.45
CA ASP A 147 1.33 11.67 34.52
C ASP A 147 1.30 10.29 35.17
N PHE A 148 2.34 9.48 34.93
CA PHE A 148 2.29 8.08 35.33
C PHE A 148 2.50 7.93 36.84
N ASP A 149 3.20 8.87 37.48
CA ASP A 149 3.34 8.82 38.93
C ASP A 149 2.00 9.15 39.60
N THR A 150 1.32 10.21 39.13
CA THR A 150 0.01 10.57 39.63
C THR A 150 -0.98 9.42 39.38
N THR A 151 -0.93 8.82 38.19
CA THR A 151 -1.81 7.71 37.84
C THR A 151 -1.62 6.57 38.83
N ARG A 152 -0.36 6.24 39.14
CA ARG A 152 -0.05 5.19 40.09
C ARG A 152 -0.68 5.48 41.45
N THR A 153 -0.56 6.73 41.94
CA THR A 153 -1.15 7.14 43.22
C THR A 153 -2.67 6.91 43.20
N TYR A 154 -3.34 7.39 42.15
CA TYR A 154 -4.79 7.25 42.04
C TYR A 154 -5.18 5.78 42.10
N LEU A 155 -4.50 4.93 41.33
CA LEU A 155 -4.83 3.52 41.26
C LEU A 155 -4.55 2.81 42.58
N GLN A 156 -3.46 3.19 43.26
CA GLN A 156 -3.12 2.62 44.56
C GLN A 156 -4.23 2.96 45.56
N LYS A 157 -4.58 4.24 45.67
CA LYS A 157 -5.51 4.71 46.68
C LYS A 157 -6.93 4.20 46.41
N VAL A 158 -7.34 4.15 45.13
CA VAL A 158 -8.67 3.67 44.78
C VAL A 158 -8.75 2.17 45.00
N SER A 159 -7.67 1.43 44.65
CA SER A 159 -7.59 0.00 44.92
C SER A 159 -7.79 -0.28 46.41
N GLU A 160 -7.15 0.52 47.28
CA GLU A 160 -7.26 0.34 48.72
C GLU A 160 -8.65 0.70 49.23
N ALA A 161 -9.20 1.83 48.76
CA ALA A 161 -10.43 2.38 49.31
C ALA A 161 -11.66 1.61 48.82
N TYR A 162 -11.66 1.23 47.54
CA TYR A 162 -12.80 0.56 46.90
C TYR A 162 -12.67 -0.95 47.07
N GLY A 163 -11.50 -1.49 46.72
CA GLY A 163 -11.16 -2.88 47.02
C GLY A 163 -11.94 -3.90 46.19
N LEU A 164 -12.63 -3.45 45.14
CA LEU A 164 -13.36 -4.34 44.26
C LEU A 164 -12.92 -4.07 42.81
N PRO A 165 -13.11 -5.03 41.87
CA PRO A 165 -12.78 -4.78 40.47
C PRO A 165 -13.42 -3.50 39.94
N PHE A 166 -12.63 -2.71 39.19
CA PHE A 166 -13.10 -1.49 38.57
C PHE A 166 -12.35 -1.29 37.25
N GLY A 167 -12.75 -0.25 36.52
CA GLY A 167 -12.11 0.09 35.26
C GLY A 167 -11.65 1.55 35.24
N VAL A 168 -10.94 1.91 34.18
CA VAL A 168 -10.38 3.25 34.03
C VAL A 168 -10.70 3.78 32.63
N LYS A 169 -10.96 5.09 32.54
CA LYS A 169 -11.10 5.76 31.25
C LYS A 169 -9.81 6.50 30.99
N MET A 170 -9.12 6.15 29.90
CA MET A 170 -7.78 6.68 29.67
C MET A 170 -7.81 7.77 28.61
N PRO A 171 -6.89 8.75 28.70
CA PRO A 171 -6.69 9.69 27.61
C PRO A 171 -6.01 8.94 26.47
N PRO A 172 -6.09 9.44 25.22
CA PRO A 172 -5.37 8.80 24.12
C PRO A 172 -3.86 8.98 24.22
N TYR A 173 -3.10 7.94 23.88
CA TYR A 173 -1.64 8.03 23.80
C TYR A 173 -1.22 7.96 22.33
N PHE A 174 -0.06 8.56 22.01
CA PHE A 174 0.35 8.73 20.62
C PHE A 174 1.81 8.30 20.41
N ASP A 175 2.35 7.56 21.38
CA ASP A 175 3.75 7.19 21.37
C ASP A 175 3.87 5.78 21.95
N ILE A 176 4.68 4.91 21.30
CA ILE A 176 4.81 3.53 21.74
C ILE A 176 5.34 3.50 23.18
N ALA A 177 6.32 4.36 23.50
CA ALA A 177 6.88 4.43 24.85
C ALA A 177 5.79 4.73 25.87
N HIS A 178 4.80 5.55 25.50
CA HIS A 178 3.69 5.89 26.37
C HIS A 178 2.74 4.70 26.55
N PHE A 179 2.46 3.94 25.49
CA PHE A 179 1.69 2.71 25.61
C PHE A 179 2.36 1.78 26.62
N ASP A 180 3.69 1.66 26.51
CA ASP A 180 4.48 0.77 27.37
C ASP A 180 4.40 1.26 28.81
N MET A 181 4.62 2.56 29.04
CA MET A 181 4.64 3.11 30.39
C MET A 181 3.26 3.01 31.04
N ALA A 182 2.20 3.32 30.27
CA ALA A 182 0.84 3.25 30.76
C ALA A 182 0.50 1.81 31.17
N ALA A 183 0.87 0.83 30.34
CA ALA A 183 0.55 -0.56 30.61
C ALA A 183 1.30 -1.06 31.84
N ALA A 184 2.55 -0.60 32.01
CA ALA A 184 3.38 -0.97 33.15
C ALA A 184 2.70 -0.58 34.45
N VAL A 185 2.10 0.63 34.49
CA VAL A 185 1.39 1.09 35.67
C VAL A 185 0.12 0.25 35.84
N LEU A 186 -0.69 0.13 34.78
CA LEU A 186 -1.97 -0.57 34.85
C LEU A 186 -1.79 -2.02 35.29
N ASN A 187 -0.73 -2.67 34.81
CA ASN A 187 -0.49 -4.09 35.07
C ASN A 187 -0.06 -4.34 36.52
N ASP A 188 0.24 -3.27 37.27
CA ASP A 188 0.58 -3.38 38.69
C ASP A 188 -0.66 -3.37 39.58
N PHE A 189 -1.86 -3.22 39.00
CA PHE A 189 -3.09 -3.09 39.76
C PHE A 189 -4.09 -4.15 39.29
N PRO A 190 -4.12 -5.32 39.96
CA PRO A 190 -4.98 -6.42 39.55
C PRO A 190 -6.48 -6.12 39.65
N LEU A 191 -6.88 -5.10 40.42
CA LEU A 191 -8.29 -4.74 40.54
C LEU A 191 -8.76 -3.97 39.31
N VAL A 192 -7.82 -3.41 38.53
CA VAL A 192 -8.21 -2.75 37.28
C VAL A 192 -8.51 -3.84 36.25
N LYS A 193 -9.80 -4.07 35.98
CA LYS A 193 -10.24 -5.19 35.17
C LYS A 193 -10.61 -4.75 33.76
N PHE A 194 -10.85 -3.46 33.53
CA PHE A 194 -11.06 -2.96 32.18
C PHE A 194 -10.45 -1.57 32.00
N ILE A 195 -10.08 -1.30 30.74
CA ILE A 195 -9.48 -0.05 30.30
C ILE A 195 -10.36 0.48 29.17
N THR A 196 -10.92 1.69 29.32
CA THR A 196 -11.69 2.29 28.24
C THR A 196 -10.77 3.24 27.46
N CYS A 197 -10.64 2.94 26.15
CA CYS A 197 -9.79 3.67 25.22
C CYS A 197 -10.69 4.18 24.09
N VAL A 198 -10.91 5.49 23.93
CA VAL A 198 -10.15 6.59 24.54
C VAL A 198 -11.11 7.72 24.90
N ASN A 199 -10.66 8.63 25.79
CA ASN A 199 -11.36 9.88 26.00
C ASN A 199 -11.07 10.78 24.80
N SER A 200 -11.66 11.97 24.80
CA SER A 200 -11.50 12.94 23.72
C SER A 200 -10.02 13.22 23.44
N ILE A 201 -9.70 13.50 22.17
CA ILE A 201 -8.40 14.08 21.83
C ILE A 201 -8.40 15.50 22.41
N GLY A 202 -7.57 15.70 23.44
CA GLY A 202 -7.64 16.88 24.28
C GLY A 202 -7.15 18.14 23.56
N ASN A 203 -7.79 19.26 23.92
CA ASN A 203 -7.25 20.59 23.68
C ASN A 203 -6.96 20.83 22.20
N GLY A 204 -7.94 20.48 21.36
CA GLY A 204 -8.02 20.96 19.98
C GLY A 204 -8.57 22.39 19.93
N LEU A 205 -8.47 23.02 18.76
CA LEU A 205 -8.92 24.38 18.57
C LEU A 205 -9.63 24.51 17.23
N VAL A 206 -10.89 24.96 17.27
CA VAL A 206 -11.67 25.21 16.06
C VAL A 206 -11.95 26.71 15.97
N ILE A 207 -11.71 27.26 14.77
CA ILE A 207 -11.89 28.68 14.49
C ILE A 207 -12.83 28.83 13.30
N ASP A 208 -13.77 29.77 13.40
CA ASP A 208 -14.68 30.10 12.32
C ASP A 208 -14.00 31.14 11.45
N PRO A 209 -13.68 30.86 10.16
CA PRO A 209 -12.95 31.82 9.33
C PRO A 209 -13.73 33.12 9.06
N ALA A 210 -15.07 33.04 9.07
CA ALA A 210 -15.92 34.18 8.76
C ALA A 210 -15.73 35.30 9.79
N ASN A 211 -15.83 34.98 11.08
CA ASN A 211 -15.71 35.98 12.14
C ASN A 211 -14.37 35.91 12.85
N GLU A 212 -13.48 35.00 12.42
CA GLU A 212 -12.11 34.91 12.92
C GLU A 212 -12.10 34.64 14.44
N THR A 213 -13.15 33.96 14.93
CA THR A 213 -13.37 33.75 16.35
C THR A 213 -13.44 32.25 16.61
N VAL A 214 -12.91 31.81 17.76
CA VAL A 214 -13.03 30.44 18.22
C VAL A 214 -14.51 30.12 18.44
N VAL A 215 -14.88 28.84 18.46
CA VAL A 215 -16.28 28.45 18.45
C VAL A 215 -16.79 28.11 19.84
N ILE A 216 -15.90 27.89 20.82
CA ILE A 216 -16.32 27.68 22.20
C ILE A 216 -15.64 28.72 23.11
N LYS A 217 -16.31 29.04 24.23
CA LYS A 217 -15.90 30.14 25.09
C LYS A 217 -14.77 29.72 26.06
N PRO A 218 -14.84 28.57 26.76
CA PRO A 218 -13.82 28.22 27.74
C PRO A 218 -12.43 28.05 27.16
N LYS A 219 -11.42 28.35 28.00
CA LYS A 219 -10.02 28.04 27.73
C LYS A 219 -9.57 28.55 26.36
N GLN A 220 -10.01 29.76 25.99
CA GLN A 220 -9.56 30.42 24.78
C GLN A 220 -9.88 29.57 23.54
N GLY A 221 -10.95 28.76 23.63
CA GLY A 221 -11.44 27.98 22.50
C GLY A 221 -10.93 26.54 22.47
N PHE A 222 -10.10 26.16 23.44
CA PHE A 222 -9.48 24.84 23.48
C PHE A 222 -10.46 23.85 24.09
N GLY A 223 -10.68 22.73 23.41
CA GLY A 223 -11.70 21.76 23.80
C GLY A 223 -11.38 20.36 23.29
N GLY A 224 -12.04 19.36 23.89
CA GLY A 224 -11.85 17.97 23.50
C GLY A 224 -12.56 17.64 22.19
N LEU A 225 -11.86 16.89 21.33
CA LEU A 225 -12.37 16.46 20.03
C LEU A 225 -12.97 15.06 20.14
N GLY A 226 -14.14 14.88 19.53
CA GLY A 226 -14.79 13.58 19.38
C GLY A 226 -15.23 13.34 17.94
N GLY A 227 -15.67 12.11 17.65
CA GLY A 227 -16.25 11.77 16.36
C GLY A 227 -15.21 11.21 15.39
N LYS A 228 -15.37 11.54 14.10
CA LYS A 228 -14.58 10.95 13.04
C LYS A 228 -13.10 11.25 13.23
N TYR A 229 -12.78 12.38 13.90
CA TYR A 229 -11.40 12.78 14.16
C TYR A 229 -10.60 11.69 14.88
N VAL A 230 -11.27 10.89 15.72
CA VAL A 230 -10.57 10.12 16.74
C VAL A 230 -10.52 8.62 16.41
N LEU A 231 -11.16 8.15 15.33
CA LEU A 231 -11.31 6.72 15.13
C LEU A 231 -9.96 6.00 15.08
N PRO A 232 -8.98 6.41 14.22
CA PRO A 232 -7.69 5.73 14.17
C PRO A 232 -6.93 5.72 15.48
N THR A 233 -6.98 6.84 16.22
CA THR A 233 -6.37 6.94 17.54
C THR A 233 -7.04 5.94 18.49
N ALA A 234 -8.38 5.88 18.44
CA ALA A 234 -9.14 5.01 19.33
C ALA A 234 -8.78 3.55 19.07
N LEU A 235 -8.77 3.13 17.79
CA LEU A 235 -8.46 1.76 17.43
C LEU A 235 -7.05 1.38 17.88
N ALA A 236 -6.11 2.31 17.75
CA ALA A 236 -4.71 2.04 18.10
C ALA A 236 -4.60 1.79 19.60
N ASN A 237 -5.26 2.65 20.40
CA ASN A 237 -5.19 2.54 21.84
C ASN A 237 -5.82 1.22 22.29
N VAL A 238 -7.01 0.91 21.75
CA VAL A 238 -7.69 -0.33 22.08
C VAL A 238 -6.75 -1.51 21.82
N ASN A 239 -6.14 -1.54 20.63
CA ASN A 239 -5.32 -2.67 20.24
C ASN A 239 -4.04 -2.72 21.07
N ALA A 240 -3.44 -1.54 21.35
CA ALA A 240 -2.19 -1.48 22.10
C ALA A 240 -2.37 -2.03 23.52
N PHE A 241 -3.49 -1.69 24.18
CA PHE A 241 -3.75 -2.16 25.53
C PHE A 241 -4.30 -3.59 25.53
N PHE A 242 -5.04 -3.97 24.47
CA PHE A 242 -5.54 -5.33 24.33
C PHE A 242 -4.34 -6.30 24.38
N ARG A 243 -3.26 -5.93 23.68
CA ARG A 243 -2.05 -6.74 23.61
C ARG A 243 -1.20 -6.63 24.89
N ARG A 244 -1.10 -5.43 25.48
CA ARG A 244 -0.16 -5.20 26.58
C ARG A 244 -0.75 -5.57 27.93
N CYS A 245 -2.08 -5.60 28.04
CA CYS A 245 -2.77 -5.90 29.29
C CYS A 245 -3.65 -7.13 29.10
N PRO A 246 -3.06 -8.33 28.90
CA PRO A 246 -3.83 -9.52 28.58
C PRO A 246 -4.76 -10.01 29.69
N ASP A 247 -4.51 -9.59 30.93
CA ASP A 247 -5.32 -9.95 32.09
C ASP A 247 -6.42 -8.93 32.36
N LYS A 248 -6.68 -8.02 31.40
CA LYS A 248 -7.69 -6.99 31.54
C LYS A 248 -8.56 -6.96 30.28
N LEU A 249 -9.78 -6.43 30.39
CA LEU A 249 -10.62 -6.15 29.24
C LEU A 249 -10.28 -4.75 28.70
N VAL A 250 -10.58 -4.52 27.42
CA VAL A 250 -10.53 -3.20 26.83
C VAL A 250 -11.92 -2.88 26.28
N PHE A 251 -12.38 -1.65 26.55
CA PHE A 251 -13.60 -1.11 25.97
C PHE A 251 -13.18 -0.06 24.95
N GLY A 252 -13.86 -0.03 23.80
CA GLY A 252 -13.53 0.93 22.76
C GLY A 252 -14.46 2.14 22.86
N CYS A 253 -13.87 3.32 22.65
CA CYS A 253 -14.64 4.56 22.61
C CYS A 253 -13.93 5.51 21.65
N GLY A 254 -14.66 5.99 20.63
CA GLY A 254 -14.12 6.98 19.72
C GLY A 254 -14.52 6.66 18.28
N GLY A 255 -15.26 7.59 17.67
CA GLY A 255 -15.47 7.58 16.23
C GLY A 255 -16.55 6.59 15.75
N VAL A 256 -17.37 6.04 16.66
CA VAL A 256 -18.38 5.07 16.26
C VAL A 256 -19.64 5.79 15.80
N TYR A 257 -19.94 5.66 14.49
CA TYR A 257 -21.14 6.20 13.88
C TYR A 257 -22.01 5.11 13.27
N SER A 258 -21.46 3.89 13.14
CA SER A 258 -22.12 2.84 12.40
C SER A 258 -21.63 1.48 12.89
N GLY A 259 -22.31 0.42 12.42
CA GLY A 259 -21.89 -0.94 12.69
C GLY A 259 -20.45 -1.22 12.23
N GLU A 260 -20.03 -0.59 11.12
CA GLU A 260 -18.69 -0.78 10.59
C GLU A 260 -17.63 -0.38 11.61
N GLU A 261 -17.76 0.80 12.23
CA GLU A 261 -16.78 1.25 13.21
C GLU A 261 -16.83 0.36 14.45
N ALA A 262 -18.03 -0.07 14.85
CA ALA A 262 -18.19 -0.98 15.98
C ALA A 262 -17.43 -2.28 15.70
N PHE A 263 -17.58 -2.80 14.48
CA PHE A 263 -16.91 -4.00 14.04
C PHE A 263 -15.39 -3.84 14.18
N LEU A 264 -14.86 -2.69 13.76
CA LEU A 264 -13.43 -2.42 13.80
C LEU A 264 -12.92 -2.38 15.25
N HIS A 265 -13.66 -1.70 16.14
CA HIS A 265 -13.32 -1.67 17.54
C HIS A 265 -13.22 -3.09 18.11
N ILE A 266 -14.20 -3.95 17.78
CA ILE A 266 -14.26 -5.29 18.35
C ILE A 266 -13.13 -6.15 17.78
N LEU A 267 -12.86 -6.01 16.48
CA LEU A 267 -11.74 -6.66 15.81
C LEU A 267 -10.41 -6.28 16.49
N ALA A 268 -10.32 -5.03 16.94
CA ALA A 268 -9.13 -4.48 17.58
C ALA A 268 -8.96 -5.01 19.01
N GLY A 269 -10.06 -5.49 19.62
CA GLY A 269 -10.00 -6.11 20.95
C GLY A 269 -11.12 -5.67 21.90
N ALA A 270 -11.99 -4.73 21.48
CA ALA A 270 -13.02 -4.17 22.35
C ALA A 270 -14.05 -5.23 22.78
N SER A 271 -14.31 -5.30 24.09
CA SER A 271 -15.40 -6.10 24.66
C SER A 271 -16.73 -5.33 24.54
N MET A 272 -16.70 -4.06 24.93
CA MET A 272 -17.84 -3.15 24.82
C MET A 272 -17.42 -1.97 23.95
N VAL A 273 -18.41 -1.33 23.31
CA VAL A 273 -18.21 -0.22 22.40
C VAL A 273 -19.08 0.95 22.88
N GLN A 274 -18.43 2.09 23.14
CA GLN A 274 -19.10 3.28 23.65
C GLN A 274 -19.30 4.27 22.52
N VAL A 275 -20.41 5.02 22.59
CA VAL A 275 -20.83 5.94 21.54
C VAL A 275 -21.06 7.31 22.17
N GLY A 276 -20.30 8.31 21.69
CA GLY A 276 -20.35 9.66 22.23
C GLY A 276 -21.01 10.62 21.24
N THR A 277 -20.19 11.24 20.39
CA THR A 277 -20.63 12.28 19.47
C THR A 277 -21.84 11.81 18.65
N ALA A 278 -21.80 10.59 18.11
CA ALA A 278 -22.87 10.11 17.24
C ALA A 278 -24.19 10.01 18.01
N LEU A 279 -24.11 9.64 19.30
CA LEU A 279 -25.28 9.53 20.16
C LEU A 279 -25.82 10.93 20.47
N HIS A 280 -24.91 11.89 20.65
CA HIS A 280 -25.28 13.28 20.88
C HIS A 280 -26.05 13.80 19.66
N ASP A 281 -25.59 13.41 18.45
CA ASP A 281 -26.16 13.86 17.20
C ASP A 281 -27.55 13.25 16.93
N GLU A 282 -27.72 11.96 17.23
CA GLU A 282 -28.82 11.16 16.69
C GLU A 282 -29.84 10.79 17.76
N GLY A 283 -29.44 10.81 19.04
CA GLY A 283 -30.30 10.37 20.12
C GLY A 283 -30.27 8.84 20.28
N PRO A 284 -30.96 8.30 21.30
CA PRO A 284 -30.82 6.89 21.68
C PRO A 284 -31.35 5.87 20.67
N ILE A 285 -32.08 6.30 19.63
CA ILE A 285 -32.48 5.41 18.55
C ILE A 285 -31.25 4.82 17.85
N ILE A 286 -30.08 5.48 17.98
CA ILE A 286 -28.85 5.00 17.33
C ILE A 286 -28.54 3.57 17.76
N PHE A 287 -28.87 3.18 19.00
CA PHE A 287 -28.52 1.85 19.51
C PHE A 287 -29.25 0.77 18.73
N ALA A 288 -30.50 1.04 18.33
CA ALA A 288 -31.26 0.12 17.51
C ALA A 288 -30.61 -0.02 16.13
N ARG A 289 -30.15 1.09 15.55
CA ARG A 289 -29.47 1.10 14.25
C ARG A 289 -28.15 0.33 14.32
N LEU A 290 -27.36 0.58 15.38
CA LEU A 290 -26.05 -0.04 15.53
C LEU A 290 -26.17 -1.56 15.64
N ASN A 291 -27.15 -2.04 16.43
CA ASN A 291 -27.41 -3.47 16.57
C ASN A 291 -27.69 -4.09 15.20
N LYS A 292 -28.56 -3.43 14.42
CA LYS A 292 -28.96 -3.91 13.11
C LYS A 292 -27.75 -3.94 12.17
N GLU A 293 -26.94 -2.86 12.18
CA GLU A 293 -25.82 -2.71 11.26
C GLU A 293 -24.71 -3.71 11.58
N LEU A 294 -24.44 -3.95 12.86
CA LEU A 294 -23.42 -4.90 13.26
C LEU A 294 -23.86 -6.32 12.86
N GLN A 295 -25.13 -6.65 13.08
CA GLN A 295 -25.67 -7.95 12.70
C GLN A 295 -25.57 -8.16 11.19
N GLU A 296 -25.87 -7.11 10.41
CA GLU A 296 -25.74 -7.13 8.96
C GLU A 296 -24.32 -7.55 8.55
N ILE A 297 -23.32 -6.91 9.15
CA ILE A 297 -21.91 -7.19 8.82
C ILE A 297 -21.59 -8.64 9.19
N MET A 298 -22.05 -9.10 10.37
CA MET A 298 -21.80 -10.46 10.81
C MET A 298 -22.45 -11.47 9.87
N THR A 299 -23.69 -11.20 9.43
CA THR A 299 -24.39 -12.06 8.48
C THR A 299 -23.54 -12.23 7.21
N ASN A 300 -23.04 -11.11 6.68
CA ASN A 300 -22.31 -11.09 5.42
C ASN A 300 -21.02 -11.89 5.54
N LYS A 301 -20.40 -11.89 6.73
CA LYS A 301 -19.11 -12.55 6.94
C LYS A 301 -19.28 -13.96 7.48
N GLY A 302 -20.52 -14.33 7.83
CA GLY A 302 -20.84 -15.67 8.31
C GLY A 302 -20.47 -15.88 9.77
N TYR A 303 -20.47 -14.80 10.57
CA TYR A 303 -20.21 -14.87 12.00
C TYR A 303 -21.54 -14.96 12.76
N LYS A 304 -21.57 -15.79 13.82
CA LYS A 304 -22.78 -15.99 14.60
C LYS A 304 -22.67 -15.32 15.98
N THR A 305 -21.44 -15.08 16.47
CA THR A 305 -21.20 -14.41 17.74
C THR A 305 -20.05 -13.42 17.58
N LEU A 306 -19.92 -12.48 18.53
CA LEU A 306 -18.81 -11.53 18.54
C LEU A 306 -17.48 -12.24 18.82
N ASP A 307 -17.54 -13.36 19.56
CA ASP A 307 -16.36 -14.10 19.96
C ASP A 307 -15.60 -14.65 18.76
N GLU A 308 -16.30 -14.79 17.62
CA GLU A 308 -15.71 -15.28 16.39
C GLU A 308 -14.66 -14.32 15.82
N PHE A 309 -14.70 -13.03 16.18
CA PHE A 309 -13.77 -12.08 15.59
C PHE A 309 -13.18 -11.06 16.59
N ARG A 310 -13.66 -11.01 17.84
CA ARG A 310 -13.11 -10.04 18.78
C ARG A 310 -11.61 -10.27 18.94
N GLY A 311 -10.82 -9.21 18.73
CA GLY A 311 -9.38 -9.25 18.94
C GLY A 311 -8.63 -10.05 17.87
N ARG A 312 -9.27 -10.31 16.72
CA ARG A 312 -8.67 -11.15 15.68
C ARG A 312 -8.25 -10.31 14.47
N VAL A 313 -8.06 -8.99 14.66
CA VAL A 313 -7.45 -8.15 13.64
C VAL A 313 -6.15 -8.82 13.19
N LYS A 314 -5.92 -8.83 11.86
CA LYS A 314 -4.76 -9.46 11.26
C LYS A 314 -3.70 -8.40 10.95
N THR A 315 -2.43 -8.76 11.14
CA THR A 315 -1.31 -7.90 10.78
C THR A 315 -0.56 -8.53 9.60
N MET A 316 0.33 -7.76 8.98
CA MET A 316 1.12 -8.22 7.84
C MET A 316 2.55 -8.59 8.29
N MET B 5 16.89 -39.35 4.71
CA MET B 5 16.27 -38.11 4.16
C MET B 5 17.28 -36.97 4.21
N SER B 6 17.51 -36.31 3.07
CA SER B 6 18.44 -35.18 2.99
C SER B 6 17.99 -34.17 1.94
N LEU B 7 17.91 -32.89 2.34
CA LEU B 7 17.61 -31.79 1.44
C LEU B 7 18.90 -31.09 1.01
N LYS B 8 20.07 -31.67 1.34
CA LYS B 8 21.34 -31.00 1.10
C LYS B 8 21.53 -30.76 -0.40
N VAL B 9 22.17 -29.63 -0.72
CA VAL B 9 22.59 -29.28 -2.05
C VAL B 9 24.08 -28.96 -1.98
N ASN B 10 24.90 -29.69 -2.77
CA ASN B 10 26.34 -29.54 -2.78
C ASN B 10 26.77 -28.94 -4.12
N ILE B 11 26.83 -27.60 -4.19
CA ILE B 11 27.18 -26.88 -5.41
C ILE B 11 28.10 -25.70 -5.06
N LEU B 12 28.85 -25.22 -6.06
CA LEU B 12 29.64 -23.98 -6.01
C LEU B 12 30.67 -24.01 -4.87
N GLY B 13 31.03 -25.21 -4.40
CA GLY B 13 32.02 -25.37 -3.33
C GLY B 13 31.43 -25.16 -1.94
N HIS B 14 30.09 -25.28 -1.81
CA HIS B 14 29.39 -25.13 -0.54
C HIS B 14 28.44 -26.30 -0.32
N GLU B 15 28.15 -26.59 0.95
CA GLU B 15 27.13 -27.55 1.36
C GLU B 15 25.96 -26.77 1.95
N PHE B 16 24.90 -26.60 1.15
CA PHE B 16 23.67 -25.95 1.59
C PHE B 16 22.80 -26.97 2.32
N SER B 17 22.27 -26.60 3.49
CA SER B 17 21.48 -27.51 4.31
C SER B 17 20.19 -27.92 3.60
N ASN B 18 19.69 -27.01 2.75
CA ASN B 18 18.45 -27.23 2.01
C ASN B 18 18.49 -26.29 0.81
N PRO B 19 17.59 -26.44 -0.20
CA PRO B 19 17.67 -25.64 -1.41
C PRO B 19 17.06 -24.24 -1.33
N PHE B 20 16.53 -23.86 -0.15
CA PHE B 20 15.70 -22.66 -0.06
C PHE B 20 16.52 -21.42 0.30
N MET B 21 16.12 -20.29 -0.29
CA MET B 21 16.65 -18.97 0.05
C MET B 21 15.59 -17.93 -0.30
N ASN B 22 15.78 -16.69 0.16
CA ASN B 22 14.93 -15.58 -0.26
C ASN B 22 15.23 -15.25 -1.72
N ALA B 23 14.23 -14.68 -2.40
CA ALA B 23 14.43 -14.03 -3.69
C ALA B 23 15.04 -12.66 -3.43
N ALA B 24 15.96 -12.23 -4.30
CA ALA B 24 16.54 -10.91 -4.20
C ALA B 24 15.43 -9.87 -4.07
N GLY B 25 15.57 -8.94 -3.13
CA GLY B 25 14.61 -7.87 -2.94
C GLY B 25 13.66 -8.09 -1.77
N VAL B 26 13.49 -9.35 -1.31
CA VAL B 26 12.59 -9.66 -0.21
C VAL B 26 13.41 -10.01 1.03
N LEU B 27 13.12 -9.31 2.14
CA LEU B 27 13.75 -9.50 3.43
C LEU B 27 15.27 -9.51 3.30
N CYS B 28 15.86 -8.48 2.67
CA CYS B 28 17.31 -8.50 2.46
C CYS B 28 17.92 -7.11 2.20
N THR B 29 17.22 -6.02 2.56
CA THR B 29 17.71 -4.69 2.27
C THR B 29 18.57 -4.15 3.43
N THR B 30 18.12 -4.36 4.68
CA THR B 30 18.78 -3.81 5.86
C THR B 30 19.56 -4.91 6.59
N GLU B 31 20.42 -4.50 7.52
CA GLU B 31 21.15 -5.41 8.40
C GLU B 31 20.18 -6.29 9.17
N GLU B 32 19.05 -5.72 9.63
CA GLU B 32 18.07 -6.46 10.41
C GLU B 32 17.43 -7.55 9.53
N ASP B 33 17.07 -7.19 8.28
CA ASP B 33 16.50 -8.15 7.34
C ASP B 33 17.44 -9.33 7.17
N LEU B 34 18.72 -9.04 6.92
CA LEU B 34 19.73 -10.05 6.64
C LEU B 34 19.96 -10.94 7.88
N ARG B 35 19.92 -10.34 9.07
CA ARG B 35 20.00 -11.10 10.31
C ARG B 35 18.85 -12.11 10.39
N ARG B 36 17.63 -11.66 10.07
CA ARG B 36 16.44 -12.51 10.17
C ARG B 36 16.53 -13.67 9.18
N MET B 37 17.01 -13.40 7.96
CA MET B 37 17.23 -14.46 6.98
C MET B 37 18.29 -15.45 7.46
N THR B 38 19.38 -14.95 8.05
CA THR B 38 20.47 -15.79 8.53
C THR B 38 19.97 -16.70 9.67
N GLU B 39 19.09 -16.15 10.52
CA GLU B 39 18.55 -16.89 11.66
C GLU B 39 17.48 -17.90 11.22
N SER B 40 16.90 -17.71 10.03
CA SER B 40 15.85 -18.60 9.53
C SER B 40 16.43 -19.98 9.21
N GLU B 41 15.54 -20.91 8.83
CA GLU B 41 15.92 -22.26 8.44
C GLU B 41 16.35 -22.33 6.97
N SER B 42 16.38 -21.20 6.26
CA SER B 42 16.78 -21.18 4.85
C SER B 42 18.18 -21.77 4.69
N GLY B 43 18.41 -22.45 3.57
CA GLY B 43 19.72 -22.96 3.21
C GLY B 43 20.70 -21.84 2.83
N SER B 44 20.18 -20.70 2.36
CA SER B 44 21.02 -19.57 2.00
C SER B 44 20.20 -18.27 2.02
N LEU B 45 20.84 -17.17 1.61
CA LEU B 45 20.19 -15.88 1.51
C LEU B 45 20.94 -15.05 0.47
N ILE B 46 20.25 -14.06 -0.11
CA ILE B 46 20.82 -13.15 -1.08
C ILE B 46 20.48 -11.73 -0.68
N GLY B 47 21.46 -10.84 -0.79
CA GLY B 47 21.26 -9.44 -0.46
C GLY B 47 20.44 -8.73 -1.53
N LYS B 48 19.80 -7.61 -1.14
CA LYS B 48 19.04 -6.78 -2.07
C LYS B 48 19.91 -6.38 -3.25
N SER B 49 19.31 -6.35 -4.45
CA SER B 49 20.02 -5.86 -5.63
C SER B 49 20.50 -4.44 -5.36
N CYS B 50 21.82 -4.22 -5.45
CA CYS B 50 22.38 -2.93 -5.07
C CYS B 50 22.93 -2.18 -6.27
N THR B 51 23.18 -0.89 -6.01
CA THR B 51 23.78 0.06 -6.95
C THR B 51 25.01 0.66 -6.28
N LEU B 52 25.83 1.40 -7.02
CA LEU B 52 27.08 1.95 -6.51
C LEU B 52 26.79 2.93 -5.37
N ALA B 53 25.78 3.79 -5.58
CA ALA B 53 25.33 4.76 -4.60
C ALA B 53 24.01 4.29 -3.99
N PRO B 54 23.69 4.67 -2.74
CA PRO B 54 22.40 4.34 -2.14
C PRO B 54 21.24 4.93 -2.93
N ARG B 55 20.08 4.26 -2.85
CA ARG B 55 18.84 4.72 -3.45
C ARG B 55 17.71 4.56 -2.45
N THR B 56 16.76 5.52 -2.44
CA THR B 56 15.55 5.42 -1.63
C THR B 56 14.42 4.79 -2.45
N GLY B 57 14.57 4.72 -3.78
CA GLY B 57 13.61 4.02 -4.63
C GLY B 57 12.45 4.91 -5.06
N ASN B 58 11.37 4.27 -5.53
CA ASN B 58 10.24 4.95 -6.14
C ASN B 58 9.29 5.48 -5.07
N PRO B 59 8.44 6.49 -5.40
CA PRO B 59 7.48 7.02 -4.44
C PRO B 59 6.31 6.07 -4.16
N GLU B 60 5.58 6.35 -3.06
CA GLU B 60 4.52 5.48 -2.57
C GLU B 60 3.14 5.81 -3.11
N PRO B 61 2.19 4.84 -3.17
CA PRO B 61 2.46 3.44 -2.87
C PRO B 61 3.20 2.69 -3.99
N ARG B 62 4.07 1.73 -3.63
CA ARG B 62 4.90 1.04 -4.62
C ARG B 62 4.83 -0.49 -4.47
N TYR B 63 4.02 -0.99 -3.54
CA TYR B 63 3.84 -2.42 -3.35
C TYR B 63 2.36 -2.67 -3.05
N PHE B 64 1.77 -3.69 -3.69
CA PHE B 64 0.39 -4.06 -3.45
C PHE B 64 0.29 -5.58 -3.46
N GLY B 65 -0.04 -6.17 -2.30
CA GLY B 65 -0.33 -7.59 -2.21
C GLY B 65 -1.68 -7.92 -2.87
N LEU B 66 -1.71 -9.04 -3.58
CA LEU B 66 -2.85 -9.47 -4.37
C LEU B 66 -3.29 -10.85 -3.89
N PRO B 67 -4.56 -11.24 -4.10
CA PRO B 67 -4.99 -12.61 -3.89
C PRO B 67 -4.07 -13.65 -4.52
N LEU B 68 -3.57 -13.37 -5.73
CA LEU B 68 -2.78 -14.34 -6.50
C LEU B 68 -1.28 -14.02 -6.46
N GLY B 69 -0.87 -12.97 -5.74
CA GLY B 69 0.55 -12.69 -5.58
C GLY B 69 0.84 -11.25 -5.18
N SER B 70 1.61 -10.54 -6.01
CA SER B 70 2.06 -9.20 -5.68
C SER B 70 2.33 -8.41 -6.95
N ILE B 71 2.18 -7.08 -6.85
CA ILE B 71 2.66 -6.15 -7.87
C ILE B 71 3.54 -5.13 -7.15
N ASN B 72 4.71 -4.80 -7.72
CA ASN B 72 5.56 -3.81 -7.10
C ASN B 72 6.33 -2.98 -8.13
N SER B 73 6.72 -1.77 -7.72
CA SER B 73 7.66 -0.93 -8.44
C SER B 73 8.55 -0.26 -7.40
N MET B 74 9.37 -1.06 -6.71
CA MET B 74 10.17 -0.57 -5.59
C MET B 74 11.19 0.45 -6.08
N GLY B 75 11.87 0.16 -7.21
CA GLY B 75 12.82 1.09 -7.79
C GLY B 75 14.23 0.94 -7.21
N LEU B 76 14.61 -0.30 -6.86
CA LEU B 76 15.95 -0.62 -6.38
C LEU B 76 16.32 0.23 -5.16
N PRO B 77 15.46 0.32 -4.12
CA PRO B 77 15.88 0.93 -2.86
C PRO B 77 16.96 0.07 -2.21
N ASN B 78 18.12 0.66 -1.92
CA ASN B 78 19.23 -0.09 -1.38
C ASN B 78 20.23 0.84 -0.70
N LEU B 79 21.03 0.26 0.22
CA LEU B 79 21.93 1.04 1.05
C LEU B 79 23.29 1.24 0.37
N GLY B 80 23.40 0.84 -0.91
CA GLY B 80 24.61 1.02 -1.71
C GLY B 80 25.56 -0.16 -1.56
N VAL B 81 26.42 -0.37 -2.56
CA VAL B 81 27.26 -1.56 -2.62
C VAL B 81 28.15 -1.66 -1.38
N ASP B 82 28.67 -0.53 -0.88
CA ASP B 82 29.60 -0.55 0.25
C ASP B 82 28.96 -1.20 1.47
N PHE B 83 27.65 -0.97 1.66
CA PHE B 83 26.93 -1.55 2.79
C PHE B 83 26.89 -3.09 2.68
N TYR B 84 26.54 -3.62 1.49
CA TYR B 84 26.37 -5.06 1.30
C TYR B 84 27.73 -5.75 1.34
N LEU B 85 28.77 -5.06 0.83
CA LEU B 85 30.13 -5.58 0.87
C LEU B 85 30.62 -5.66 2.32
N SER B 86 30.32 -4.62 3.10
CA SER B 86 30.68 -4.59 4.51
C SER B 86 29.98 -5.72 5.26
N TYR B 87 28.69 -5.92 4.98
CA TYR B 87 27.92 -7.02 5.56
C TYR B 87 28.60 -8.36 5.25
N ALA B 88 28.96 -8.56 3.98
CA ALA B 88 29.58 -9.79 3.50
C ALA B 88 30.95 -10.02 4.16
N ALA B 89 31.72 -8.94 4.37
CA ALA B 89 33.09 -9.04 4.83
C ALA B 89 33.18 -9.12 6.36
N GLN B 90 32.23 -8.50 7.08
CA GLN B 90 32.36 -8.31 8.53
C GLN B 90 31.22 -8.93 9.35
N THR B 91 29.97 -8.86 8.85
CA THR B 91 28.81 -9.12 9.70
C THR B 91 28.31 -10.56 9.53
N HIS B 92 28.20 -11.04 8.28
CA HIS B 92 27.51 -12.30 8.01
C HIS B 92 28.22 -13.47 8.69
N ASP B 93 27.41 -14.39 9.24
CA ASP B 93 27.88 -15.63 9.85
C ASP B 93 27.86 -16.75 8.81
N TYR B 94 29.03 -17.01 8.21
CA TYR B 94 29.17 -18.03 7.18
C TYR B 94 29.06 -19.45 7.76
N SER B 95 29.22 -19.59 9.09
CA SER B 95 29.00 -20.87 9.75
C SER B 95 27.53 -21.29 9.68
N ARG B 96 26.61 -20.31 9.58
CA ARG B 96 25.18 -20.60 9.46
C ARG B 96 24.86 -21.05 8.04
N LYS B 97 25.21 -20.22 7.05
CA LYS B 97 24.91 -20.52 5.66
C LYS B 97 25.71 -19.62 4.74
N PRO B 98 25.92 -20.02 3.45
CA PRO B 98 26.56 -19.15 2.48
C PRO B 98 25.73 -17.91 2.14
N LEU B 99 26.40 -16.89 1.62
CA LEU B 99 25.77 -15.63 1.27
C LEU B 99 25.96 -15.35 -0.22
N PHE B 100 24.86 -14.95 -0.88
CA PHE B 100 24.89 -14.38 -2.21
C PHE B 100 24.67 -12.87 -2.09
N LEU B 101 25.26 -12.11 -3.01
CA LEU B 101 24.95 -10.69 -3.18
C LEU B 101 24.44 -10.50 -4.61
N SER B 102 23.34 -9.74 -4.74
CA SER B 102 22.80 -9.34 -6.03
C SER B 102 23.34 -7.96 -6.38
N MET B 103 23.94 -7.82 -7.57
CA MET B 103 24.45 -6.53 -8.01
C MET B 103 23.71 -6.10 -9.27
N SER B 104 23.19 -4.88 -9.21
CA SER B 104 22.26 -4.38 -10.22
C SER B 104 22.63 -2.94 -10.60
N GLY B 105 23.89 -2.73 -10.99
CA GLY B 105 24.30 -1.44 -11.54
C GLY B 105 23.39 -1.03 -12.70
N LEU B 106 23.20 0.28 -12.91
CA LEU B 106 22.32 0.79 -13.95
C LEU B 106 23.03 0.92 -15.29
N SER B 107 24.34 0.58 -15.32
CA SER B 107 25.14 0.59 -16.55
C SER B 107 26.23 -0.48 -16.41
N VAL B 108 26.85 -0.87 -17.53
CA VAL B 108 27.90 -1.88 -17.47
C VAL B 108 29.09 -1.32 -16.68
N GLU B 109 29.36 -0.02 -16.81
CA GLU B 109 30.46 0.63 -16.11
C GLU B 109 30.26 0.54 -14.60
N GLU B 110 29.03 0.80 -14.15
CA GLU B 110 28.67 0.73 -12.74
C GLU B 110 28.82 -0.71 -12.22
N SER B 111 28.33 -1.69 -12.97
CA SER B 111 28.42 -3.09 -12.58
C SER B 111 29.87 -3.54 -12.44
N VAL B 112 30.73 -3.11 -13.38
CA VAL B 112 32.14 -3.49 -13.38
C VAL B 112 32.82 -2.93 -12.12
N GLU B 113 32.54 -1.67 -11.77
CA GLU B 113 33.15 -1.05 -10.60
C GLU B 113 32.75 -1.84 -9.34
N MET B 114 31.49 -2.30 -9.30
CA MET B 114 30.95 -3.02 -8.16
C MET B 114 31.57 -4.41 -8.02
N VAL B 115 31.67 -5.17 -9.12
CA VAL B 115 32.14 -6.55 -9.02
C VAL B 115 33.63 -6.57 -8.65
N LYS B 116 34.39 -5.56 -9.09
CA LYS B 116 35.81 -5.48 -8.74
C LYS B 116 36.00 -5.39 -7.23
N LYS B 117 35.12 -4.64 -6.55
CA LYS B 117 35.16 -4.51 -5.10
C LYS B 117 34.85 -5.84 -4.40
N LEU B 118 34.07 -6.71 -5.05
CA LEU B 118 33.63 -7.96 -4.45
C LEU B 118 34.76 -9.00 -4.48
N VAL B 119 35.63 -8.95 -5.49
CA VAL B 119 36.64 -9.99 -5.73
C VAL B 119 37.36 -10.37 -4.43
N PRO B 120 38.04 -9.46 -3.69
CA PRO B 120 38.73 -9.85 -2.47
C PRO B 120 37.84 -10.51 -1.42
N ILE B 121 36.57 -10.10 -1.35
CA ILE B 121 35.65 -10.63 -0.36
C ILE B 121 35.21 -12.04 -0.74
N THR B 122 34.99 -12.29 -2.04
CA THR B 122 34.72 -13.65 -2.52
C THR B 122 35.90 -14.55 -2.16
N LYS B 123 37.12 -14.07 -2.43
CA LYS B 123 38.33 -14.84 -2.21
C LYS B 123 38.47 -15.21 -0.74
N GLU B 124 38.17 -14.26 0.16
CA GLU B 124 38.37 -14.44 1.59
C GLU B 124 37.21 -15.20 2.24
N LYS B 125 35.96 -14.81 1.93
CA LYS B 125 34.78 -15.27 2.65
C LYS B 125 33.93 -16.27 1.87
N GLY B 126 34.05 -16.30 0.53
CA GLY B 126 33.26 -17.20 -0.30
C GLY B 126 31.92 -16.62 -0.75
N THR B 127 31.73 -15.30 -0.59
CA THR B 127 30.51 -14.63 -1.01
C THR B 127 30.27 -14.88 -2.50
N ILE B 128 29.02 -15.15 -2.89
CA ILE B 128 28.69 -15.52 -4.25
C ILE B 128 27.97 -14.35 -4.94
N LEU B 129 28.31 -14.12 -6.22
CA LEU B 129 27.73 -13.03 -7.02
C LEU B 129 26.56 -13.53 -7.86
N GLU B 130 25.42 -12.81 -7.78
CA GLU B 130 24.31 -12.91 -8.71
C GLU B 130 24.19 -11.56 -9.42
N LEU B 131 24.57 -11.51 -10.71
CA LEU B 131 24.48 -10.29 -11.50
C LEU B 131 23.05 -10.14 -12.01
N ASN B 132 22.39 -9.03 -11.67
CA ASN B 132 20.99 -8.84 -12.00
C ASN B 132 20.86 -8.23 -13.40
N LEU B 133 20.24 -8.97 -14.34
CA LEU B 133 20.00 -8.47 -15.68
C LEU B 133 18.50 -8.30 -15.97
N SER B 134 17.72 -8.05 -14.91
N SER B 134 17.69 -8.15 -14.91
CA SER B 134 16.27 -7.96 -15.02
CA SER B 134 16.26 -7.95 -15.03
C SER B 134 15.71 -7.06 -13.92
C SER B 134 15.90 -6.52 -14.66
N ALA B 135 15.93 -5.76 -14.04
N ALA B 135 15.54 -6.26 -13.39
CA ALA B 135 15.38 -4.79 -13.10
CA ALA B 135 15.26 -4.92 -12.90
C ALA B 135 14.23 -4.03 -13.76
C ALA B 135 14.28 -4.20 -13.83
N PRO B 136 12.96 -4.51 -13.73
CA PRO B 136 11.91 -3.90 -14.54
C PRO B 136 11.19 -2.67 -13.95
N ASN B 137 11.62 -2.18 -12.77
CA ASN B 137 10.90 -1.10 -12.11
C ASN B 137 11.75 0.16 -11.96
N VAL B 138 12.84 0.26 -12.74
CA VAL B 138 13.66 1.46 -12.74
C VAL B 138 13.22 2.34 -13.91
N PRO B 139 12.59 3.52 -13.68
CA PRO B 139 12.12 4.34 -14.79
C PRO B 139 13.23 4.67 -15.79
N GLY B 140 12.95 4.38 -17.07
CA GLY B 140 13.83 4.76 -18.18
C GLY B 140 14.95 3.77 -18.44
N LYS B 141 14.95 2.62 -17.73
CA LYS B 141 15.99 1.62 -17.86
C LYS B 141 15.35 0.29 -18.30
N PRO B 142 15.52 -0.12 -19.59
CA PRO B 142 15.04 -1.41 -20.05
C PRO B 142 15.72 -2.60 -19.38
N GLN B 143 15.06 -3.76 -19.39
CA GLN B 143 15.63 -4.98 -18.83
C GLN B 143 16.75 -5.48 -19.75
N VAL B 144 17.98 -5.56 -19.21
CA VAL B 144 19.16 -5.90 -20.00
C VAL B 144 18.96 -7.26 -20.69
N GLY B 145 18.39 -8.22 -19.96
CA GLY B 145 18.23 -9.59 -20.46
C GLY B 145 17.34 -9.69 -21.70
N TYR B 146 16.62 -8.62 -22.06
CA TYR B 146 15.82 -8.63 -23.27
C TYR B 146 16.60 -8.06 -24.47
N ASP B 147 17.84 -7.59 -24.23
CA ASP B 147 18.73 -7.18 -25.31
C ASP B 147 19.97 -8.07 -25.26
N PHE B 148 20.08 -8.99 -26.23
CA PHE B 148 21.12 -10.02 -26.19
C PHE B 148 22.49 -9.43 -26.50
N ASP B 149 22.54 -8.31 -27.25
CA ASP B 149 23.78 -7.59 -27.48
C ASP B 149 24.29 -6.98 -26.17
N THR B 150 23.42 -6.26 -25.46
CA THR B 150 23.77 -5.63 -24.20
C THR B 150 24.13 -6.71 -23.17
N THR B 151 23.35 -7.80 -23.13
CA THR B 151 23.62 -8.91 -22.22
C THR B 151 25.04 -9.42 -22.44
N ARG B 152 25.42 -9.60 -23.71
CA ARG B 152 26.74 -10.11 -24.08
C ARG B 152 27.82 -9.19 -23.52
N THR B 153 27.64 -7.86 -23.69
CA THR B 153 28.58 -6.87 -23.19
C THR B 153 28.74 -6.99 -21.67
N TYR B 154 27.61 -7.06 -20.94
CA TYR B 154 27.64 -7.21 -19.49
C TYR B 154 28.46 -8.44 -19.10
N LEU B 155 28.15 -9.60 -19.69
CA LEU B 155 28.79 -10.85 -19.31
C LEU B 155 30.30 -10.82 -19.63
N GLN B 156 30.66 -10.21 -20.76
CA GLN B 156 32.06 -10.10 -21.16
C GLN B 156 32.82 -9.25 -20.15
N LYS B 157 32.28 -8.07 -19.82
CA LYS B 157 32.98 -7.11 -18.96
C LYS B 157 33.03 -7.60 -17.52
N VAL B 158 31.97 -8.25 -17.04
CA VAL B 158 31.94 -8.78 -15.68
C VAL B 158 32.83 -10.02 -15.58
N SER B 159 32.83 -10.89 -16.60
CA SER B 159 33.73 -12.04 -16.63
C SER B 159 35.18 -11.58 -16.49
N GLU B 160 35.53 -10.52 -17.24
CA GLU B 160 36.88 -9.97 -17.26
C GLU B 160 37.24 -9.38 -15.90
N ALA B 161 36.33 -8.58 -15.32
CA ALA B 161 36.59 -7.82 -14.11
C ALA B 161 36.57 -8.71 -12.87
N TYR B 162 35.67 -9.70 -12.83
CA TYR B 162 35.46 -10.52 -11.64
C TYR B 162 36.35 -11.76 -11.67
N GLY B 163 36.32 -12.49 -12.81
CA GLY B 163 37.28 -13.57 -13.06
C GLY B 163 37.02 -14.84 -12.26
N LEU B 164 35.86 -14.92 -11.59
CA LEU B 164 35.51 -16.04 -10.74
C LEU B 164 34.12 -16.51 -11.12
N PRO B 165 33.72 -17.77 -10.82
CA PRO B 165 32.36 -18.22 -11.09
C PRO B 165 31.32 -17.27 -10.50
N PHE B 166 30.27 -16.98 -11.27
CA PHE B 166 29.18 -16.13 -10.80
C PHE B 166 27.88 -16.57 -11.47
N GLY B 167 26.77 -15.95 -11.07
CA GLY B 167 25.48 -16.26 -11.65
C GLY B 167 24.77 -15.02 -12.15
N VAL B 168 23.62 -15.24 -12.80
CA VAL B 168 22.83 -14.18 -13.40
C VAL B 168 21.35 -14.39 -13.05
N LYS B 169 20.67 -13.28 -12.73
CA LYS B 169 19.22 -13.24 -12.57
C LYS B 169 18.61 -12.79 -13.90
N MET B 170 17.81 -13.65 -14.51
CA MET B 170 17.30 -13.40 -15.86
C MET B 170 15.84 -12.97 -15.78
N PRO B 171 15.38 -12.12 -16.73
CA PRO B 171 13.96 -11.90 -16.89
C PRO B 171 13.32 -13.14 -17.49
N PRO B 172 12.00 -13.32 -17.34
CA PRO B 172 11.33 -14.44 -17.99
C PRO B 172 11.25 -14.27 -19.50
N TYR B 173 11.45 -15.38 -20.23
CA TYR B 173 11.24 -15.42 -21.67
C TYR B 173 9.97 -16.21 -21.97
N PHE B 174 9.37 -15.92 -23.13
CA PHE B 174 8.04 -16.41 -23.48
C PHE B 174 8.01 -16.95 -24.92
N ASP B 175 9.19 -17.12 -25.52
CA ASP B 175 9.32 -17.56 -26.90
C ASP B 175 10.48 -18.56 -26.98
N ILE B 176 10.29 -19.68 -27.69
CA ILE B 176 11.33 -20.69 -27.83
C ILE B 176 12.59 -20.07 -28.43
N ALA B 177 12.43 -19.18 -29.43
CA ALA B 177 13.57 -18.54 -30.08
C ALA B 177 14.38 -17.70 -29.09
N HIS B 178 13.72 -17.13 -28.08
CA HIS B 178 14.39 -16.34 -27.05
C HIS B 178 15.17 -17.24 -26.10
N PHE B 179 14.62 -18.40 -25.74
CA PHE B 179 15.36 -19.38 -24.95
C PHE B 179 16.66 -19.71 -25.66
N ASP B 180 16.55 -19.96 -26.98
CA ASP B 180 17.68 -20.29 -27.83
C ASP B 180 18.70 -19.16 -27.84
N MET B 181 18.24 -17.92 -28.07
CA MET B 181 19.12 -16.77 -28.17
C MET B 181 19.82 -16.53 -26.82
N ALA B 182 19.06 -16.60 -25.72
CA ALA B 182 19.60 -16.38 -24.39
C ALA B 182 20.67 -17.42 -24.07
N ALA B 183 20.38 -18.68 -24.39
CA ALA B 183 21.29 -19.78 -24.08
C ALA B 183 22.59 -19.64 -24.88
N ALA B 184 22.48 -19.19 -26.14
CA ALA B 184 23.65 -18.99 -26.99
C ALA B 184 24.61 -17.97 -26.37
N VAL B 185 24.06 -16.89 -25.81
CA VAL B 185 24.88 -15.87 -25.18
C VAL B 185 25.46 -16.44 -23.89
N LEU B 186 24.61 -17.03 -23.05
CA LEU B 186 25.04 -17.53 -21.74
C LEU B 186 26.16 -18.57 -21.88
N ASN B 187 26.04 -19.45 -22.88
CA ASN B 187 27.00 -20.55 -23.03
C ASN B 187 28.35 -20.07 -23.54
N ASP B 188 28.43 -18.80 -23.99
CA ASP B 188 29.69 -18.21 -24.43
C ASP B 188 30.52 -17.69 -23.25
N PHE B 189 30.00 -17.80 -22.02
CA PHE B 189 30.65 -17.29 -20.83
C PHE B 189 30.72 -18.39 -19.78
N PRO B 190 31.80 -19.21 -19.78
CA PRO B 190 31.93 -20.33 -18.85
C PRO B 190 31.94 -19.96 -17.37
N LEU B 191 32.27 -18.71 -17.02
CA LEU B 191 32.28 -18.28 -15.63
C LEU B 191 30.86 -18.09 -15.10
N VAL B 192 29.87 -18.00 -15.99
CA VAL B 192 28.48 -17.98 -15.57
C VAL B 192 28.09 -19.40 -15.21
N LYS B 193 28.06 -19.69 -13.90
CA LYS B 193 27.92 -21.05 -13.39
C LYS B 193 26.48 -21.33 -12.94
N PHE B 194 25.67 -20.29 -12.72
CA PHE B 194 24.25 -20.51 -12.46
C PHE B 194 23.42 -19.39 -13.09
N ILE B 195 22.17 -19.77 -13.42
CA ILE B 195 21.15 -18.89 -13.96
C ILE B 195 19.96 -18.94 -12.99
N THR B 196 19.50 -17.77 -12.53
CA THR B 196 18.28 -17.72 -11.74
C THR B 196 17.11 -17.34 -12.64
N CYS B 197 16.13 -18.26 -12.75
CA CYS B 197 14.93 -18.13 -13.54
C CYS B 197 13.73 -18.20 -12.59
N VAL B 198 12.93 -17.13 -12.42
CA VAL B 198 12.92 -15.91 -13.20
C VAL B 198 12.72 -14.71 -12.25
N ASN B 199 12.97 -13.51 -12.78
CA ASN B 199 12.55 -12.28 -12.13
C ASN B 199 11.05 -12.10 -12.35
N SER B 200 10.48 -11.04 -11.77
CA SER B 200 9.09 -10.65 -11.95
C SER B 200 8.66 -10.70 -13.41
N ILE B 201 7.40 -11.08 -13.66
CA ILE B 201 6.79 -10.83 -14.96
C ILE B 201 6.57 -9.32 -15.06
N GLY B 202 7.32 -8.67 -15.96
CA GLY B 202 7.47 -7.23 -15.94
C GLY B 202 6.19 -6.51 -16.35
N ASN B 203 5.97 -5.34 -15.73
CA ASN B 203 5.13 -4.30 -16.30
C ASN B 203 3.69 -4.80 -16.48
N GLY B 204 3.16 -5.46 -15.44
CA GLY B 204 1.73 -5.71 -15.32
C GLY B 204 1.02 -4.48 -14.75
N LEU B 205 -0.32 -4.50 -14.78
CA LEU B 205 -1.14 -3.38 -14.32
C LEU B 205 -2.32 -3.92 -13.53
N VAL B 206 -2.47 -3.43 -12.30
CA VAL B 206 -3.60 -3.78 -11.46
C VAL B 206 -4.40 -2.52 -11.17
N ILE B 207 -5.73 -2.63 -11.35
CA ILE B 207 -6.67 -1.53 -11.14
C ILE B 207 -7.70 -1.97 -10.10
N ASP B 208 -7.98 -1.07 -9.16
CA ASP B 208 -9.05 -1.24 -8.18
C ASP B 208 -10.36 -0.83 -8.83
N PRO B 209 -11.36 -1.73 -8.98
CA PRO B 209 -12.62 -1.37 -9.65
C PRO B 209 -13.45 -0.37 -8.84
N ALA B 210 -13.24 -0.35 -7.52
CA ALA B 210 -13.97 0.53 -6.62
C ALA B 210 -13.70 2.00 -6.96
N ASN B 211 -12.42 2.41 -6.94
CA ASN B 211 -12.05 3.81 -7.14
C ASN B 211 -11.52 4.05 -8.55
N GLU B 212 -11.47 3.00 -9.37
CA GLU B 212 -11.08 3.11 -10.78
C GLU B 212 -9.64 3.63 -10.91
N THR B 213 -8.81 3.31 -9.92
CA THR B 213 -7.45 3.83 -9.85
C THR B 213 -6.47 2.68 -9.79
N VAL B 214 -5.31 2.86 -10.42
CA VAL B 214 -4.21 1.90 -10.31
C VAL B 214 -3.82 1.79 -8.84
N VAL B 215 -3.22 0.65 -8.45
CA VAL B 215 -2.93 0.38 -7.04
C VAL B 215 -1.53 0.84 -6.65
N ILE B 216 -0.65 1.11 -7.63
CA ILE B 216 0.68 1.67 -7.35
C ILE B 216 0.89 2.96 -8.12
N LYS B 217 1.75 3.83 -7.57
CA LYS B 217 1.97 5.17 -8.09
C LYS B 217 2.96 5.18 -9.26
N PRO B 218 4.15 4.54 -9.14
CA PRO B 218 5.16 4.65 -10.18
C PRO B 218 4.70 4.15 -11.54
N LYS B 219 5.19 4.79 -12.61
CA LYS B 219 5.04 4.30 -13.97
C LYS B 219 3.58 4.07 -14.34
N GLN B 220 2.70 4.99 -13.93
CA GLN B 220 1.28 4.94 -14.27
C GLN B 220 0.65 3.62 -13.84
N GLY B 221 1.20 3.01 -12.78
CA GLY B 221 0.63 1.81 -12.19
C GLY B 221 1.32 0.53 -12.64
N PHE B 222 2.31 0.63 -13.54
CA PHE B 222 2.93 -0.55 -14.14
C PHE B 222 4.01 -1.09 -13.20
N GLY B 223 3.93 -2.38 -12.86
CA GLY B 223 4.85 -2.98 -11.91
C GLY B 223 5.07 -4.46 -12.19
N GLY B 224 6.11 -5.01 -11.54
CA GLY B 224 6.47 -6.42 -11.66
C GLY B 224 5.51 -7.32 -10.89
N LEU B 225 5.12 -8.43 -11.53
CA LEU B 225 4.22 -9.42 -10.93
C LEU B 225 5.03 -10.56 -10.32
N GLY B 226 4.62 -10.95 -9.10
CA GLY B 226 5.19 -12.07 -8.38
C GLY B 226 4.07 -12.98 -7.89
N GLY B 227 4.43 -14.20 -7.48
CA GLY B 227 3.48 -15.08 -6.79
C GLY B 227 2.89 -16.13 -7.73
N LYS B 228 1.61 -16.45 -7.52
CA LYS B 228 0.96 -17.56 -8.22
C LYS B 228 0.91 -17.29 -9.73
N TYR B 229 0.93 -16.01 -10.12
CA TYR B 229 0.95 -15.59 -11.51
C TYR B 229 2.12 -16.20 -12.30
N VAL B 230 3.25 -16.45 -11.63
CA VAL B 230 4.54 -16.63 -12.29
C VAL B 230 4.96 -18.10 -12.35
N LEU B 231 4.23 -19.02 -11.68
CA LEU B 231 4.75 -20.38 -11.50
C LEU B 231 5.00 -21.06 -12.84
N PRO B 232 4.02 -21.16 -13.78
CA PRO B 232 4.27 -21.85 -15.04
C PRO B 232 5.37 -21.22 -15.89
N THR B 233 5.43 -19.88 -15.91
CA THR B 233 6.52 -19.17 -16.56
C THR B 233 7.86 -19.57 -15.94
N ALA B 234 7.92 -19.62 -14.61
CA ALA B 234 9.16 -19.96 -13.90
C ALA B 234 9.61 -21.37 -14.26
N LEU B 235 8.69 -22.35 -14.19
CA LEU B 235 9.02 -23.75 -14.46
C LEU B 235 9.52 -23.90 -15.90
N ALA B 236 8.88 -23.20 -16.84
CA ALA B 236 9.26 -23.25 -18.25
C ALA B 236 10.70 -22.76 -18.43
N ASN B 237 11.02 -21.62 -17.82
CA ASN B 237 12.33 -21.01 -17.95
C ASN B 237 13.39 -21.91 -17.30
N VAL B 238 13.09 -22.43 -16.10
CA VAL B 238 13.99 -23.32 -15.39
C VAL B 238 14.34 -24.50 -16.29
N ASN B 239 13.30 -25.16 -16.85
CA ASN B 239 13.50 -26.39 -17.61
C ASN B 239 14.21 -26.10 -18.94
N ALA B 240 13.83 -25.00 -19.61
CA ALA B 240 14.44 -24.58 -20.86
C ALA B 240 15.95 -24.39 -20.71
N PHE B 241 16.40 -23.73 -19.62
CA PHE B 241 17.81 -23.45 -19.43
C PHE B 241 18.54 -24.65 -18.84
N PHE B 242 17.85 -25.46 -18.03
CA PHE B 242 18.41 -26.71 -17.52
C PHE B 242 18.92 -27.58 -18.68
N ARG B 243 18.10 -27.72 -19.72
CA ARG B 243 18.44 -28.50 -20.91
C ARG B 243 19.49 -27.80 -21.77
N ARG B 244 19.36 -26.48 -21.97
CA ARG B 244 20.18 -25.75 -22.93
C ARG B 244 21.59 -25.43 -22.42
N CYS B 245 21.79 -25.41 -21.10
CA CYS B 245 23.03 -24.94 -20.48
C CYS B 245 23.58 -26.03 -19.56
N PRO B 246 24.13 -27.15 -20.11
CA PRO B 246 24.52 -28.29 -19.29
C PRO B 246 25.69 -28.05 -18.34
N ASP B 247 26.48 -26.99 -18.55
CA ASP B 247 27.58 -26.69 -17.64
C ASP B 247 27.21 -25.57 -16.66
N LYS B 248 25.91 -25.32 -16.51
CA LYS B 248 25.42 -24.33 -15.56
C LYS B 248 24.37 -24.97 -14.67
N LEU B 249 24.27 -24.46 -13.43
CA LEU B 249 23.17 -24.75 -12.54
C LEU B 249 22.05 -23.75 -12.82
N VAL B 250 20.81 -24.18 -12.55
CA VAL B 250 19.65 -23.31 -12.63
C VAL B 250 19.04 -23.20 -11.23
N PHE B 251 18.78 -21.96 -10.83
CA PHE B 251 18.03 -21.67 -9.61
C PHE B 251 16.62 -21.26 -10.02
N GLY B 252 15.62 -21.85 -9.35
CA GLY B 252 14.23 -21.52 -9.61
C GLY B 252 13.77 -20.38 -8.71
N CYS B 253 13.00 -19.48 -9.30
CA CYS B 253 12.37 -18.39 -8.57
C CYS B 253 11.05 -18.07 -9.25
N GLY B 254 9.97 -18.06 -8.46
CA GLY B 254 8.65 -17.72 -8.97
C GLY B 254 7.59 -18.72 -8.51
N GLY B 255 6.61 -18.22 -7.75
CA GLY B 255 5.38 -18.96 -7.47
C GLY B 255 5.52 -20.00 -6.37
N VAL B 256 6.61 -19.97 -5.60
CA VAL B 256 6.80 -20.95 -4.52
C VAL B 256 6.05 -20.48 -3.27
N TYR B 257 5.00 -21.24 -2.89
CA TYR B 257 4.27 -21.02 -1.66
C TYR B 257 4.33 -22.23 -0.74
N SER B 258 4.84 -23.37 -1.24
CA SER B 258 4.74 -24.63 -0.53
C SER B 258 5.80 -25.60 -1.03
N GLY B 259 5.98 -26.70 -0.28
CA GLY B 259 6.88 -27.77 -0.68
C GLY B 259 6.56 -28.32 -2.06
N GLU B 260 5.27 -28.33 -2.44
CA GLU B 260 4.86 -28.86 -3.73
C GLU B 260 5.43 -28.04 -4.88
N GLU B 261 5.41 -26.70 -4.78
CA GLU B 261 5.98 -25.88 -5.84
C GLU B 261 7.50 -26.03 -5.87
N ALA B 262 8.12 -26.15 -4.68
CA ALA B 262 9.55 -26.39 -4.58
C ALA B 262 9.90 -27.70 -5.30
N PHE B 263 9.11 -28.75 -5.05
CA PHE B 263 9.29 -30.04 -5.71
C PHE B 263 9.27 -29.88 -7.23
N LEU B 264 8.28 -29.13 -7.76
CA LEU B 264 8.12 -28.95 -9.20
C LEU B 264 9.34 -28.21 -9.79
N HIS B 265 9.82 -27.17 -9.10
CA HIS B 265 11.01 -26.45 -9.54
C HIS B 265 12.21 -27.39 -9.67
N ILE B 266 12.41 -28.25 -8.66
CA ILE B 266 13.55 -29.17 -8.64
C ILE B 266 13.38 -30.22 -9.73
N LEU B 267 12.16 -30.73 -9.91
CA LEU B 267 11.85 -31.67 -10.96
C LEU B 267 12.13 -31.07 -12.33
N ALA B 268 11.90 -29.76 -12.48
CA ALA B 268 12.16 -29.03 -13.71
C ALA B 268 13.65 -28.82 -13.95
N GLY B 269 14.47 -28.88 -12.88
CA GLY B 269 15.92 -28.83 -13.01
C GLY B 269 16.62 -27.92 -11.99
N ALA B 270 15.86 -27.30 -11.06
CA ALA B 270 16.42 -26.33 -10.12
C ALA B 270 17.35 -26.99 -9.11
N SER B 271 18.50 -26.34 -8.87
CA SER B 271 19.43 -26.71 -7.83
C SER B 271 19.09 -25.99 -6.51
N MET B 272 18.74 -24.71 -6.59
CA MET B 272 18.25 -23.94 -5.44
C MET B 272 16.88 -23.36 -5.81
N VAL B 273 16.09 -23.01 -4.80
CA VAL B 273 14.74 -22.50 -4.97
C VAL B 273 14.59 -21.23 -4.13
N GLN B 274 14.25 -20.11 -4.80
CA GLN B 274 14.12 -18.82 -4.14
C GLN B 274 12.64 -18.51 -3.91
N VAL B 275 12.36 -17.79 -2.82
CA VAL B 275 11.02 -17.49 -2.38
C VAL B 275 10.88 -15.99 -2.21
N GLY B 276 9.96 -15.37 -2.98
CA GLY B 276 9.77 -13.93 -2.98
C GLY B 276 8.46 -13.54 -2.31
N THR B 277 7.38 -13.46 -3.11
CA THR B 277 6.09 -12.98 -2.63
C THR B 277 5.65 -13.73 -1.37
N ALA B 278 5.78 -15.07 -1.35
CA ALA B 278 5.27 -15.86 -0.22
C ALA B 278 6.02 -15.54 1.07
N LEU B 279 7.32 -15.22 0.95
CA LEU B 279 8.14 -14.81 2.08
C LEU B 279 7.72 -13.42 2.55
N HIS B 280 7.45 -12.52 1.59
CA HIS B 280 6.96 -11.20 1.89
C HIS B 280 5.66 -11.31 2.70
N ASP B 281 4.81 -12.28 2.35
CA ASP B 281 3.52 -12.50 2.99
C ASP B 281 3.70 -13.08 4.40
N GLU B 282 4.52 -14.12 4.51
CA GLU B 282 4.49 -15.02 5.67
C GLU B 282 5.61 -14.72 6.66
N GLY B 283 6.71 -14.13 6.19
CA GLY B 283 7.90 -13.93 7.01
C GLY B 283 8.79 -15.17 7.00
N PRO B 284 9.99 -15.10 7.61
CA PRO B 284 11.00 -16.14 7.49
C PRO B 284 10.67 -17.50 8.12
N ILE B 285 9.60 -17.57 8.92
CA ILE B 285 9.10 -18.85 9.42
C ILE B 285 8.77 -19.78 8.24
N ILE B 286 8.50 -19.21 7.06
CA ILE B 286 8.13 -20.00 5.89
C ILE B 286 9.21 -21.06 5.59
N PHE B 287 10.48 -20.79 5.88
CA PHE B 287 11.55 -21.72 5.52
C PHE B 287 11.42 -23.02 6.30
N ALA B 288 11.00 -22.94 7.57
CA ALA B 288 10.72 -24.12 8.38
C ALA B 288 9.64 -24.98 7.70
N ARG B 289 8.55 -24.32 7.29
CA ARG B 289 7.41 -25.00 6.67
C ARG B 289 7.82 -25.66 5.35
N LEU B 290 8.62 -24.95 4.54
CA LEU B 290 9.02 -25.46 3.23
C LEU B 290 9.87 -26.72 3.37
N ASN B 291 10.82 -26.70 4.32
CA ASN B 291 11.67 -27.87 4.57
C ASN B 291 10.78 -29.06 4.93
N LYS B 292 9.85 -28.86 5.88
CA LYS B 292 8.93 -29.90 6.33
C LYS B 292 8.13 -30.46 5.15
N GLU B 293 7.55 -29.58 4.32
CA GLU B 293 6.63 -30.00 3.27
C GLU B 293 7.37 -30.74 2.16
N LEU B 294 8.59 -30.29 1.81
CA LEU B 294 9.38 -30.93 0.77
C LEU B 294 9.78 -32.33 1.25
N GLN B 295 10.19 -32.43 2.52
CA GLN B 295 10.54 -33.72 3.12
C GLN B 295 9.34 -34.67 3.09
N GLU B 296 8.13 -34.16 3.37
CA GLU B 296 6.94 -34.99 3.37
C GLU B 296 6.70 -35.58 1.97
N ILE B 297 6.82 -34.74 0.93
CA ILE B 297 6.61 -35.17 -0.45
C ILE B 297 7.63 -36.24 -0.82
N MET B 298 8.89 -36.01 -0.45
CA MET B 298 9.97 -36.95 -0.77
C MET B 298 9.74 -38.28 -0.07
N THR B 299 9.33 -38.24 1.21
CA THR B 299 9.01 -39.45 1.96
C THR B 299 7.91 -40.22 1.23
N ASN B 300 6.86 -39.50 0.79
CA ASN B 300 5.71 -40.08 0.10
C ASN B 300 6.13 -40.75 -1.22
N LYS B 301 7.17 -40.23 -1.90
CA LYS B 301 7.56 -40.70 -3.21
C LYS B 301 8.73 -41.69 -3.13
N GLY B 302 9.30 -41.86 -1.94
CA GLY B 302 10.44 -42.73 -1.71
C GLY B 302 11.76 -42.15 -2.23
N TYR B 303 11.89 -40.82 -2.21
CA TYR B 303 13.14 -40.14 -2.52
C TYR B 303 13.88 -39.81 -1.22
N LYS B 304 15.19 -40.11 -1.19
CA LYS B 304 16.03 -39.83 -0.03
C LYS B 304 16.93 -38.62 -0.27
N THR B 305 17.14 -38.24 -1.54
CA THR B 305 17.94 -37.06 -1.89
C THR B 305 17.30 -36.32 -3.07
N LEU B 306 17.71 -35.06 -3.28
CA LEU B 306 17.20 -34.24 -4.36
C LEU B 306 17.68 -34.74 -5.72
N ASP B 307 18.88 -35.34 -5.76
CA ASP B 307 19.45 -35.90 -6.98
C ASP B 307 18.60 -37.03 -7.55
N GLU B 308 17.73 -37.63 -6.73
CA GLU B 308 16.88 -38.73 -7.18
C GLU B 308 15.78 -38.24 -8.13
N PHE B 309 15.49 -36.93 -8.19
CA PHE B 309 14.46 -36.46 -9.10
C PHE B 309 14.78 -35.12 -9.78
N ARG B 310 15.90 -34.46 -9.46
CA ARG B 310 16.21 -33.17 -10.07
C ARG B 310 16.29 -33.33 -11.59
N GLY B 311 15.48 -32.53 -12.29
CA GLY B 311 15.51 -32.46 -13.74
C GLY B 311 14.88 -33.68 -14.42
N ARG B 312 14.12 -34.50 -13.67
CA ARG B 312 13.56 -35.73 -14.19
C ARG B 312 12.08 -35.61 -14.53
N VAL B 313 11.59 -34.38 -14.74
CA VAL B 313 10.24 -34.16 -15.24
C VAL B 313 10.06 -35.04 -16.48
N LYS B 314 8.93 -35.72 -16.58
CA LYS B 314 8.64 -36.58 -17.72
C LYS B 314 7.75 -35.85 -18.72
N THR B 315 8.03 -36.06 -20.01
CA THR B 315 7.18 -35.59 -21.10
C THR B 315 6.31 -36.76 -21.56
N MET B 316 5.29 -36.48 -22.38
CA MET B 316 4.31 -37.47 -22.80
C MET B 316 4.80 -38.17 -24.08
N MET C 5 -3.36 41.89 -2.70
CA MET C 5 -2.77 41.93 -1.32
C MET C 5 -1.41 41.22 -1.34
N SER C 6 -0.65 41.34 -0.25
CA SER C 6 0.70 40.78 -0.19
C SER C 6 0.73 39.50 0.66
N LEU C 7 1.29 38.42 0.09
CA LEU C 7 1.46 37.15 0.77
C LEU C 7 2.86 37.01 1.36
N LYS C 8 3.70 38.06 1.26
CA LYS C 8 5.10 37.93 1.60
C LYS C 8 5.29 37.73 3.10
N VAL C 9 6.34 36.96 3.42
CA VAL C 9 6.80 36.72 4.78
C VAL C 9 8.29 37.06 4.81
N ASN C 10 8.69 37.81 5.83
CA ASN C 10 10.06 38.29 5.96
C ASN C 10 10.61 37.77 7.30
N ILE C 11 11.49 36.75 7.26
CA ILE C 11 12.03 36.18 8.49
C ILE C 11 13.48 35.71 8.30
N LEU C 12 14.28 35.83 9.37
CA LEU C 12 15.73 35.63 9.35
C LEU C 12 16.40 36.39 8.20
N GLY C 13 15.85 37.55 7.83
CA GLY C 13 16.45 38.40 6.83
C GLY C 13 16.15 37.96 5.40
N HIS C 14 15.38 36.88 5.23
CA HIS C 14 14.98 36.40 3.91
C HIS C 14 13.55 36.87 3.58
N GLU C 15 13.33 37.16 2.29
CA GLU C 15 12.01 37.44 1.74
C GLU C 15 11.46 36.14 1.16
N PHE C 16 10.30 35.71 1.67
CA PHE C 16 9.55 34.60 1.10
C PHE C 16 8.35 35.16 0.33
N SER C 17 8.10 34.61 -0.87
CA SER C 17 7.08 35.11 -1.78
C SER C 17 5.68 34.91 -1.20
N ASN C 18 5.54 33.83 -0.42
CA ASN C 18 4.27 33.43 0.18
C ASN C 18 4.63 32.51 1.35
N PRO C 19 3.68 32.19 2.25
CA PRO C 19 4.00 31.39 3.43
C PRO C 19 4.06 29.88 3.23
N PHE C 20 3.83 29.39 2.00
CA PHE C 20 3.63 27.96 1.77
C PHE C 20 4.95 27.24 1.46
N MET C 21 5.06 26.02 2.01
CA MET C 21 6.14 25.08 1.72
C MET C 21 5.60 23.67 1.90
N ASN C 22 6.38 22.67 1.44
CA ASN C 22 6.07 21.28 1.73
C ASN C 22 6.34 21.02 3.22
N ALA C 23 5.61 20.04 3.77
CA ALA C 23 5.95 19.45 5.05
C ALA C 23 7.11 18.50 4.85
N ALA C 24 8.05 18.46 5.81
CA ALA C 24 9.17 17.53 5.72
C ALA C 24 8.63 16.11 5.48
N GLY C 25 9.25 15.39 4.54
CA GLY C 25 8.87 14.02 4.23
C GLY C 25 8.08 13.89 2.92
N VAL C 26 7.41 14.97 2.49
CA VAL C 26 6.59 14.94 1.29
C VAL C 26 7.31 15.71 0.18
N LEU C 27 7.50 15.03 -0.97
CA LEU C 27 8.11 15.57 -2.16
C LEU C 27 9.45 16.24 -1.85
N CYS C 28 10.37 15.52 -1.19
CA CYS C 28 11.63 16.12 -0.81
C CYS C 28 12.75 15.13 -0.50
N THR C 29 12.65 13.87 -0.96
CA THR C 29 13.64 12.87 -0.64
C THR C 29 14.77 12.86 -1.68
N THR C 30 14.44 12.98 -2.98
CA THR C 30 15.39 12.84 -4.07
C THR C 30 15.68 14.21 -4.70
N GLU C 31 16.72 14.26 -5.56
CA GLU C 31 17.03 15.46 -6.32
C GLU C 31 15.82 15.90 -7.15
N GLU C 32 15.14 14.93 -7.79
CA GLU C 32 13.99 15.23 -8.65
C GLU C 32 12.86 15.86 -7.82
N ASP C 33 12.58 15.28 -6.64
CA ASP C 33 11.55 15.79 -5.74
C ASP C 33 11.81 17.26 -5.44
N LEU C 34 13.06 17.56 -5.06
CA LEU C 34 13.48 18.89 -4.63
C LEU C 34 13.41 19.87 -5.80
N ARG C 35 13.75 19.39 -7.01
CA ARG C 35 13.62 20.19 -8.22
C ARG C 35 12.16 20.61 -8.39
N ARG C 36 11.23 19.67 -8.27
CA ARG C 36 9.82 19.94 -8.49
C ARG C 36 9.28 20.93 -7.44
N MET C 37 9.76 20.81 -6.20
CA MET C 37 9.39 21.77 -5.16
C MET C 37 9.93 23.16 -5.49
N THR C 38 11.18 23.24 -5.97
CA THR C 38 11.80 24.53 -6.28
C THR C 38 11.07 25.19 -7.44
N GLU C 39 10.60 24.39 -8.40
CA GLU C 39 9.95 24.92 -9.61
C GLU C 39 8.47 25.25 -9.35
N SER C 40 7.91 24.79 -8.21
CA SER C 40 6.54 25.07 -7.81
C SER C 40 6.40 26.54 -7.39
N GLU C 41 5.15 26.93 -7.10
CA GLU C 41 4.81 28.27 -6.67
C GLU C 41 4.99 28.45 -5.16
N SER C 42 5.55 27.44 -4.47
CA SER C 42 5.73 27.50 -3.03
C SER C 42 6.71 28.61 -2.64
N GLY C 43 6.53 29.17 -1.44
CA GLY C 43 7.41 30.21 -0.92
C GLY C 43 8.75 29.65 -0.47
N SER C 44 8.77 28.37 -0.08
CA SER C 44 9.98 27.69 0.34
C SER C 44 9.80 26.18 0.17
N LEU C 45 10.80 25.44 0.62
CA LEU C 45 10.78 23.98 0.62
C LEU C 45 11.69 23.49 1.74
N ILE C 46 11.46 22.24 2.17
CA ILE C 46 12.29 21.62 3.18
C ILE C 46 12.69 20.22 2.70
N GLY C 47 13.96 19.87 2.92
CA GLY C 47 14.48 18.56 2.62
C GLY C 47 13.91 17.49 3.55
N LYS C 48 13.88 16.24 3.05
CA LYS C 48 13.49 15.08 3.84
C LYS C 48 14.29 15.04 5.14
N SER C 49 13.63 14.68 6.25
CA SER C 49 14.32 14.46 7.51
C SER C 49 15.39 13.40 7.32
N CYS C 50 16.67 13.79 7.52
CA CYS C 50 17.78 12.93 7.16
C CYS C 50 18.51 12.40 8.39
N THR C 51 19.34 11.38 8.14
CA THR C 51 20.18 10.75 9.15
C THR C 51 21.62 10.78 8.65
N LEU C 52 22.59 10.47 9.53
CA LEU C 52 24.00 10.60 9.21
C LEU C 52 24.34 9.70 8.01
N ALA C 53 23.86 8.46 8.06
CA ALA C 53 24.00 7.47 7.00
C ALA C 53 22.67 7.31 6.27
N PRO C 54 22.65 6.84 4.99
CA PRO C 54 21.39 6.58 4.32
C PRO C 54 20.53 5.54 5.02
N ARG C 55 19.22 5.62 4.79
CA ARG C 55 18.28 4.62 5.26
C ARG C 55 17.30 4.29 4.14
N THR C 56 16.87 3.02 4.05
CA THR C 56 15.87 2.59 3.08
C THR C 56 14.49 2.65 3.70
N GLY C 57 14.42 2.65 5.04
CA GLY C 57 13.17 2.83 5.75
C GLY C 57 12.47 1.51 6.05
N ASN C 58 11.18 1.62 6.44
CA ASN C 58 10.38 0.49 6.87
C ASN C 58 9.88 -0.35 5.69
N PRO C 59 9.47 -1.62 5.95
CA PRO C 59 8.94 -2.50 4.93
C PRO C 59 7.57 -2.06 4.40
N GLU C 60 7.23 -2.56 3.20
CA GLU C 60 5.99 -2.22 2.51
C GLU C 60 4.85 -3.18 2.82
N PRO C 61 3.57 -2.76 2.71
CA PRO C 61 3.18 -1.39 2.44
C PRO C 61 3.32 -0.46 3.65
N ARG C 62 3.72 0.80 3.43
CA ARG C 62 4.01 1.71 4.53
C ARG C 62 3.33 3.08 4.34
N TYR C 63 2.51 3.24 3.30
CA TYR C 63 1.74 4.46 3.09
C TYR C 63 0.35 4.08 2.61
N PHE C 64 -0.69 4.72 3.17
CA PHE C 64 -2.05 4.51 2.72
C PHE C 64 -2.81 5.83 2.80
N GLY C 65 -3.25 6.31 1.62
CA GLY C 65 -4.16 7.46 1.57
C GLY C 65 -5.54 7.06 2.09
N LEU C 66 -6.18 7.97 2.84
CA LEU C 66 -7.46 7.74 3.49
C LEU C 66 -8.45 8.79 3.02
N PRO C 67 -9.78 8.55 3.07
CA PRO C 67 -10.77 9.59 2.83
C PRO C 67 -10.50 10.90 3.57
N LEU C 68 -10.04 10.82 4.83
CA LEU C 68 -9.85 12.00 5.66
C LEU C 68 -8.37 12.35 5.86
N GLY C 69 -7.46 11.73 5.11
CA GLY C 69 -6.05 12.09 5.23
C GLY C 69 -5.13 10.96 4.79
N SER C 70 -4.24 10.56 5.70
CA SER C 70 -3.22 9.56 5.38
C SER C 70 -2.73 8.89 6.67
N ILE C 71 -2.26 7.65 6.52
CA ILE C 71 -1.47 6.97 7.54
C ILE C 71 -0.18 6.50 6.89
N ASN C 72 0.95 6.68 7.58
CA ASN C 72 2.23 6.22 7.05
C ASN C 72 3.15 5.73 8.16
N SER C 73 4.09 4.85 7.79
CA SER C 73 5.20 4.45 8.64
C SER C 73 6.44 4.32 7.75
N MET C 74 6.87 5.43 7.17
CA MET C 74 7.94 5.44 6.17
C MET C 74 9.25 4.96 6.80
N GLY C 75 9.58 5.44 8.01
CA GLY C 75 10.76 5.00 8.72
C GLY C 75 12.02 5.78 8.32
N LEU C 76 11.86 7.07 7.97
CA LEU C 76 12.97 7.97 7.67
C LEU C 76 13.82 7.44 6.51
N PRO C 77 13.23 7.04 5.35
CA PRO C 77 14.03 6.76 4.18
C PRO C 77 14.69 8.05 3.69
N ASN C 78 16.02 8.04 3.56
CA ASN C 78 16.73 9.24 3.17
C ASN C 78 18.10 8.88 2.59
N LEU C 79 18.63 9.78 1.75
CA LEU C 79 19.88 9.54 1.05
C LEU C 79 21.11 9.88 1.91
N GLY C 80 20.87 10.21 3.20
CA GLY C 80 21.95 10.53 4.12
C GLY C 80 22.27 12.02 4.10
N VAL C 81 22.86 12.53 5.20
CA VAL C 81 23.05 13.96 5.38
C VAL C 81 23.89 14.55 4.24
N ASP C 82 24.90 13.82 3.77
CA ASP C 82 25.83 14.33 2.76
C ASP C 82 25.11 14.69 1.47
N PHE C 83 24.08 13.90 1.12
CA PHE C 83 23.27 14.17 -0.07
C PHE C 83 22.57 15.53 0.07
N TYR C 84 21.92 15.77 1.21
CA TYR C 84 21.12 16.97 1.40
C TYR C 84 22.04 18.19 1.54
N LEU C 85 23.20 18.00 2.18
CA LEU C 85 24.18 19.08 2.30
C LEU C 85 24.71 19.47 0.92
N SER C 86 25.01 18.47 0.09
CA SER C 86 25.47 18.71 -1.27
C SER C 86 24.39 19.44 -2.08
N TYR C 87 23.13 19.04 -1.90
CA TYR C 87 22.00 19.71 -2.54
C TYR C 87 21.96 21.18 -2.10
N ALA C 88 22.10 21.43 -0.79
CA ALA C 88 22.03 22.77 -0.22
C ALA C 88 23.20 23.63 -0.69
N ALA C 89 24.37 23.01 -0.88
CA ALA C 89 25.61 23.72 -1.16
C ALA C 89 25.82 24.00 -2.65
N GLN C 90 25.33 23.09 -3.51
CA GLN C 90 25.72 23.07 -4.92
C GLN C 90 24.53 23.16 -5.87
N THR C 91 23.38 22.55 -5.53
CA THR C 91 22.32 22.31 -6.50
C THR C 91 21.18 23.32 -6.38
N HIS C 92 20.71 23.61 -5.16
CA HIS C 92 19.51 24.41 -4.95
C HIS C 92 19.66 25.81 -5.54
N ASP C 93 18.61 26.28 -6.23
CA ASP C 93 18.52 27.64 -6.75
C ASP C 93 17.92 28.56 -5.69
N TYR C 94 18.78 29.30 -4.97
CA TYR C 94 18.36 30.20 -3.90
C TYR C 94 17.70 31.47 -4.44
N SER C 95 17.93 31.80 -5.72
CA SER C 95 17.25 32.92 -6.36
C SER C 95 15.75 32.63 -6.49
N ARG C 96 15.37 31.35 -6.55
CA ARG C 96 13.96 30.95 -6.61
C ARG C 96 13.31 31.11 -5.24
N LYS C 97 13.91 30.48 -4.21
CA LYS C 97 13.35 30.52 -2.87
C LYS C 97 14.36 30.01 -1.84
N PRO C 98 14.22 30.39 -0.55
CA PRO C 98 15.07 29.84 0.51
C PRO C 98 14.85 28.34 0.73
N LEU C 99 15.83 27.68 1.35
CA LEU C 99 15.82 26.24 1.58
C LEU C 99 15.95 25.95 3.07
N PHE C 100 15.10 25.05 3.57
CA PHE C 100 15.26 24.44 4.88
C PHE C 100 15.75 23.01 4.70
N LEU C 101 16.53 22.52 5.67
CA LEU C 101 16.83 21.11 5.80
C LEU C 101 16.29 20.61 7.13
N SER C 102 15.63 19.45 7.11
CA SER C 102 15.20 18.76 8.30
C SER C 102 16.25 17.71 8.66
N MET C 103 16.72 17.72 9.92
CA MET C 103 17.68 16.74 10.39
C MET C 103 17.07 15.98 11.57
N SER C 104 17.16 14.64 11.48
CA SER C 104 16.47 13.73 12.38
C SER C 104 17.39 12.58 12.78
N GLY C 105 18.56 12.90 13.36
CA GLY C 105 19.43 11.88 13.92
C GLY C 105 18.68 11.04 14.97
N LEU C 106 19.03 9.75 15.08
CA LEU C 106 18.35 8.83 15.98
C LEU C 106 18.92 8.89 17.40
N SER C 107 19.97 9.71 17.61
CA SER C 107 20.56 9.98 18.91
C SER C 107 21.05 11.43 18.93
N VAL C 108 21.29 11.99 20.13
CA VAL C 108 21.80 13.34 20.22
C VAL C 108 23.18 13.43 19.57
N GLU C 109 24.01 12.40 19.73
CA GLU C 109 25.34 12.32 19.12
C GLU C 109 25.25 12.43 17.60
N GLU C 110 24.33 11.66 16.99
CA GLU C 110 24.15 11.68 15.56
C GLU C 110 23.70 13.07 15.09
N SER C 111 22.75 13.67 15.82
CA SER C 111 22.22 14.98 15.49
C SER C 111 23.34 16.03 15.49
N VAL C 112 24.23 15.96 16.48
CA VAL C 112 25.34 16.89 16.63
C VAL C 112 26.32 16.75 15.47
N GLU C 113 26.66 15.51 15.09
CA GLU C 113 27.55 15.26 13.96
C GLU C 113 26.99 15.90 12.69
N MET C 114 25.67 15.78 12.48
CA MET C 114 25.01 16.28 11.29
C MET C 114 24.99 17.81 11.25
N VAL C 115 24.65 18.48 12.36
CA VAL C 115 24.43 19.92 12.33
C VAL C 115 25.77 20.64 12.20
N LYS C 116 26.86 20.03 12.70
CA LYS C 116 28.19 20.61 12.56
C LYS C 116 28.54 20.76 11.08
N LYS C 117 28.12 19.79 10.27
CA LYS C 117 28.39 19.82 8.84
C LYS C 117 27.59 20.92 8.14
N LEU C 118 26.45 21.33 8.71
CA LEU C 118 25.58 22.31 8.07
C LEU C 118 26.11 23.74 8.28
N VAL C 119 26.88 23.96 9.36
CA VAL C 119 27.30 25.29 9.78
C VAL C 119 27.85 26.10 8.60
N PRO C 120 28.91 25.63 7.89
CA PRO C 120 29.50 26.42 6.82
C PRO C 120 28.53 26.71 5.67
N ILE C 121 27.60 25.79 5.43
CA ILE C 121 26.65 25.93 4.34
C ILE C 121 25.57 26.96 4.69
N THR C 122 25.13 26.99 5.96
CA THR C 122 24.22 28.04 6.42
C THR C 122 24.89 29.40 6.27
N LYS C 123 26.16 29.50 6.69
CA LYS C 123 26.89 30.76 6.63
C LYS C 123 27.03 31.25 5.18
N GLU C 124 27.29 30.31 4.25
CA GLU C 124 27.58 30.62 2.87
C GLU C 124 26.30 30.84 2.06
N LYS C 125 25.27 30.01 2.29
CA LYS C 125 24.10 29.94 1.42
C LYS C 125 22.81 30.42 2.10
N GLY C 126 22.75 30.38 3.43
CA GLY C 126 21.57 30.82 4.17
C GLY C 126 20.59 29.68 4.45
N THR C 127 21.02 28.43 4.20
CA THR C 127 20.23 27.23 4.45
C THR C 127 19.77 27.22 5.91
N ILE C 128 18.48 26.93 6.14
CA ILE C 128 17.90 26.98 7.47
C ILE C 128 17.66 25.57 8.00
N LEU C 129 17.99 25.35 9.28
CA LEU C 129 17.82 24.06 9.94
C LEU C 129 16.47 23.96 10.65
N GLU C 130 15.75 22.84 10.44
CA GLU C 130 14.64 22.39 11.28
C GLU C 130 15.06 21.07 11.92
N LEU C 131 15.28 21.09 13.25
CA LEU C 131 15.65 19.90 14.01
C LEU C 131 14.39 19.11 14.35
N ASN C 132 14.33 17.84 13.94
CA ASN C 132 13.14 17.02 14.09
C ASN C 132 13.15 16.32 15.45
N LEU C 133 12.21 16.69 16.33
CA LEU C 133 12.04 16.05 17.63
C LEU C 133 10.78 15.19 17.70
N SER C 134 10.33 14.67 16.55
N SER C 134 10.26 14.80 16.53
CA SER C 134 9.07 13.92 16.48
CA SER C 134 9.04 14.00 16.45
C SER C 134 9.04 12.95 15.29
C SER C 134 9.42 12.57 16.02
N ALA C 135 9.85 11.89 15.35
N ALA C 135 9.33 12.29 14.71
CA ALA C 135 9.84 10.87 14.31
CA ALA C 135 9.70 10.99 14.15
C ALA C 135 9.05 9.65 14.78
C ALA C 135 9.01 9.85 14.90
N PRO C 136 7.71 9.61 14.62
CA PRO C 136 6.90 8.56 15.26
C PRO C 136 6.96 7.16 14.65
N ASN C 137 7.67 7.00 13.52
CA ASN C 137 7.62 5.75 12.76
C ASN C 137 8.96 5.00 12.73
N VAL C 138 9.88 5.30 13.65
CA VAL C 138 11.15 4.59 13.72
C VAL C 138 11.01 3.52 14.81
N PRO C 139 10.99 2.20 14.46
CA PRO C 139 10.82 1.18 15.48
C PRO C 139 11.87 1.27 16.59
N GLY C 140 11.42 1.35 17.84
CA GLY C 140 12.31 1.32 19.00
C GLY C 140 12.84 2.70 19.42
N LYS C 141 12.41 3.77 18.74
CA LYS C 141 12.86 5.12 19.04
C LYS C 141 11.66 5.98 19.43
N PRO C 142 11.45 6.28 20.74
CA PRO C 142 10.36 7.16 21.15
C PRO C 142 10.51 8.57 20.57
N GLN C 143 9.39 9.30 20.48
CA GLN C 143 9.41 10.69 20.04
C GLN C 143 10.08 11.55 21.12
N VAL C 144 11.19 12.22 20.74
CA VAL C 144 12.00 12.99 21.66
C VAL C 144 11.16 14.07 22.34
N GLY C 145 10.26 14.71 21.58
CA GLY C 145 9.47 15.83 22.06
C GLY C 145 8.52 15.49 23.21
N TYR C 146 8.29 14.20 23.49
CA TYR C 146 7.43 13.81 24.60
C TYR C 146 8.23 13.50 25.86
N ASP C 147 9.56 13.65 25.78
CA ASP C 147 10.43 13.55 26.95
C ASP C 147 11.17 14.88 27.09
N PHE C 148 10.77 15.70 28.07
CA PHE C 148 11.26 17.07 28.17
C PHE C 148 12.71 17.12 28.63
N ASP C 149 13.16 16.13 29.42
CA ASP C 149 14.56 15.99 29.77
C ASP C 149 15.41 15.71 28.53
N THR C 150 15.00 14.74 27.71
CA THR C 150 15.71 14.40 26.48
C THR C 150 15.67 15.60 25.53
N THR C 151 14.51 16.27 25.44
CA THR C 151 14.37 17.42 24.56
C THR C 151 15.39 18.49 24.97
N ARG C 152 15.50 18.76 26.27
CA ARG C 152 16.45 19.75 26.79
C ARG C 152 17.87 19.40 26.36
N THR C 153 18.26 18.12 26.47
CA THR C 153 19.60 17.67 26.09
C THR C 153 19.85 17.95 24.61
N TYR C 154 18.91 17.57 23.73
CA TYR C 154 19.05 17.79 22.29
C TYR C 154 19.26 19.28 22.00
N LEU C 155 18.44 20.15 22.60
CA LEU C 155 18.48 21.57 22.29
C LEU C 155 19.80 22.17 22.77
N GLN C 156 20.28 21.71 23.94
CA GLN C 156 21.53 22.18 24.51
C GLN C 156 22.68 21.81 23.58
N LYS C 157 22.75 20.54 23.20
CA LYS C 157 23.88 20.03 22.42
C LYS C 157 23.85 20.61 21.01
N VAL C 158 22.67 20.73 20.41
CA VAL C 158 22.56 21.26 19.05
C VAL C 158 22.80 22.77 19.06
N SER C 159 22.30 23.49 20.07
CA SER C 159 22.56 24.92 20.20
C SER C 159 24.06 25.18 20.23
N GLU C 160 24.77 24.38 21.03
CA GLU C 160 26.22 24.53 21.21
C GLU C 160 26.96 24.17 19.92
N ALA C 161 26.56 23.08 19.25
CA ALA C 161 27.27 22.57 18.09
C ALA C 161 27.00 23.44 16.86
N TYR C 162 25.75 23.87 16.67
CA TYR C 162 25.34 24.59 15.48
C TYR C 162 25.64 26.08 15.63
N GLY C 163 25.20 26.67 16.76
CA GLY C 163 25.56 28.03 17.14
C GLY C 163 24.94 29.10 16.26
N LEU C 164 23.88 28.74 15.52
CA LEU C 164 23.20 29.62 14.60
C LEU C 164 21.70 29.45 14.84
N PRO C 165 20.83 30.40 14.40
CA PRO C 165 19.40 30.23 14.58
C PRO C 165 18.88 28.98 13.87
N PHE C 166 17.97 28.26 14.52
CA PHE C 166 17.37 27.07 13.93
C PHE C 166 15.94 26.94 14.47
N GLY C 167 15.20 25.99 13.90
CA GLY C 167 13.85 25.69 14.35
C GLY C 167 13.73 24.22 14.76
N VAL C 168 12.56 23.88 15.31
CA VAL C 168 12.29 22.54 15.79
C VAL C 168 10.93 22.08 15.29
N LYS C 169 10.84 20.81 14.89
CA LYS C 169 9.57 20.19 14.51
C LYS C 169 9.06 19.41 15.71
N MET C 170 7.90 19.82 16.23
CA MET C 170 7.40 19.31 17.49
C MET C 170 6.31 18.26 17.23
N PRO C 171 6.19 17.24 18.09
CA PRO C 171 5.02 16.37 18.07
C PRO C 171 3.83 17.14 18.62
N PRO C 172 2.58 16.75 18.29
CA PRO C 172 1.42 17.42 18.86
C PRO C 172 1.27 17.15 20.36
N TYR C 173 0.89 18.18 21.13
CA TYR C 173 0.53 18.02 22.54
C TYR C 173 -0.98 18.15 22.68
N PHE C 174 -1.52 17.55 23.75
CA PHE C 174 -2.96 17.41 23.95
C PHE C 174 -3.37 17.78 25.37
N ASP C 175 -2.45 18.43 26.12
CA ASP C 175 -2.67 18.73 27.52
C ASP C 175 -2.06 20.10 27.81
N ILE C 176 -2.80 20.95 28.52
CA ILE C 176 -2.34 22.30 28.78
C ILE C 176 -1.00 22.26 29.50
N ALA C 177 -0.84 21.33 30.46
CA ALA C 177 0.39 21.22 31.23
C ALA C 177 1.58 20.93 30.31
N HIS C 178 1.34 20.17 29.23
CA HIS C 178 2.38 19.80 28.29
C HIS C 178 2.79 21.00 27.43
N PHE C 179 1.82 21.84 27.04
CA PHE C 179 2.13 23.09 26.37
C PHE C 179 3.06 23.91 27.26
N ASP C 180 2.73 23.98 28.56
CA ASP C 180 3.51 24.76 29.52
C ASP C 180 4.93 24.21 29.65
N MET C 181 5.05 22.90 29.84
CA MET C 181 6.34 22.25 30.02
C MET C 181 7.19 22.36 28.76
N ALA C 182 6.59 22.18 27.58
CA ALA C 182 7.30 22.26 26.31
C ALA C 182 7.85 23.67 26.10
N ALA C 183 6.99 24.68 26.35
CA ALA C 183 7.38 26.08 26.20
C ALA C 183 8.51 26.43 27.16
N ALA C 184 8.45 25.89 28.37
CA ALA C 184 9.47 26.16 29.39
C ALA C 184 10.85 25.72 28.89
N VAL C 185 10.91 24.54 28.25
CA VAL C 185 12.16 24.03 27.69
C VAL C 185 12.59 24.92 26.52
N LEU C 186 11.68 25.12 25.55
CA LEU C 186 12.01 25.86 24.34
C LEU C 186 12.51 27.27 24.67
N ASN C 187 11.92 27.92 25.68
CA ASN C 187 12.22 29.30 26.01
C ASN C 187 13.59 29.44 26.67
N ASP C 188 14.24 28.31 27.02
CA ASP C 188 15.59 28.36 27.58
C ASP C 188 16.66 28.36 26.49
N PHE C 189 16.25 28.29 25.21
CA PHE C 189 17.17 28.17 24.09
C PHE C 189 16.93 29.30 23.10
N PRO C 190 17.67 30.42 23.22
CA PRO C 190 17.46 31.59 22.37
C PRO C 190 17.72 31.35 20.89
N LEU C 191 18.56 30.36 20.56
CA LEU C 191 18.88 30.07 19.17
C LEU C 191 17.69 29.38 18.48
N VAL C 192 16.73 28.85 19.25
CA VAL C 192 15.53 28.27 18.66
C VAL C 192 14.61 29.43 18.28
N LYS C 193 14.60 29.77 16.98
CA LYS C 193 13.89 30.94 16.49
C LYS C 193 12.53 30.58 15.92
N PHE C 194 12.27 29.30 15.64
CA PHE C 194 10.94 28.91 15.19
C PHE C 194 10.58 27.51 15.69
N ILE C 195 9.27 27.30 15.84
CA ILE C 195 8.68 26.05 16.29
C ILE C 195 7.68 25.62 15.23
N THR C 196 7.86 24.41 14.66
CA THR C 196 6.88 23.89 13.71
C THR C 196 5.92 22.95 14.44
N CYS C 197 4.64 23.33 14.41
CA CYS C 197 3.53 22.60 15.01
C CYS C 197 2.55 22.25 13.89
N VAL C 198 2.33 20.95 13.58
CA VAL C 198 2.75 19.79 14.33
C VAL C 198 3.19 18.70 13.36
N ASN C 199 3.92 17.71 13.89
CA ASN C 199 4.14 16.47 13.16
C ASN C 199 2.86 15.64 13.20
N SER C 200 2.88 14.47 12.53
CA SER C 200 1.76 13.53 12.52
C SER C 200 1.21 13.30 13.92
N ILE C 201 -0.11 13.06 14.00
CA ILE C 201 -0.69 12.45 15.18
C ILE C 201 -0.19 11.00 15.20
N GLY C 202 0.70 10.70 16.15
CA GLY C 202 1.48 9.48 16.13
C GLY C 202 0.62 8.24 16.41
N ASN C 203 1.00 7.14 15.76
CA ASN C 203 0.63 5.79 16.19
C ASN C 203 -0.88 5.61 16.19
N GLY C 204 -1.54 6.04 15.11
CA GLY C 204 -2.92 5.64 14.81
C GLY C 204 -2.94 4.26 14.17
N LEU C 205 -4.15 3.67 14.04
CA LEU C 205 -4.34 2.36 13.45
C LEU C 205 -5.55 2.40 12.54
N VAL C 206 -5.34 1.99 11.28
CA VAL C 206 -6.41 1.84 10.31
C VAL C 206 -6.56 0.36 9.99
N ILE C 207 -7.80 -0.13 10.02
CA ILE C 207 -8.14 -1.51 9.71
C ILE C 207 -9.12 -1.52 8.54
N ASP C 208 -8.88 -2.43 7.59
CA ASP C 208 -9.77 -2.66 6.47
C ASP C 208 -10.83 -3.67 6.91
N PRO C 209 -12.13 -3.30 6.97
CA PRO C 209 -13.16 -4.22 7.42
C PRO C 209 -13.37 -5.43 6.51
N ALA C 210 -13.06 -5.27 5.22
CA ALA C 210 -13.29 -6.32 4.23
C ALA C 210 -12.40 -7.54 4.47
N ASN C 211 -11.12 -7.33 4.79
CA ASN C 211 -10.18 -8.43 4.98
C ASN C 211 -9.71 -8.53 6.44
N GLU C 212 -10.25 -7.65 7.30
CA GLU C 212 -9.98 -7.65 8.73
C GLU C 212 -8.49 -7.49 9.02
N THR C 213 -7.78 -6.75 8.14
CA THR C 213 -6.34 -6.62 8.19
C THR C 213 -5.99 -5.12 8.29
N VAL C 214 -4.92 -4.82 9.03
CA VAL C 214 -4.36 -3.48 9.07
C VAL C 214 -3.84 -3.12 7.67
N VAL C 215 -3.70 -1.83 7.36
CA VAL C 215 -3.44 -1.38 6.00
C VAL C 215 -1.95 -1.09 5.78
N ILE C 216 -1.14 -1.01 6.84
CA ILE C 216 0.30 -0.87 6.69
C ILE C 216 1.03 -1.96 7.48
N LYS C 217 2.22 -2.35 7.00
CA LYS C 217 2.95 -3.51 7.50
C LYS C 217 3.72 -3.20 8.78
N PRO C 218 4.50 -2.09 8.87
CA PRO C 218 5.33 -1.82 10.05
C PRO C 218 4.52 -1.71 11.34
N LYS C 219 5.12 -2.13 12.46
CA LYS C 219 4.60 -1.86 13.80
C LYS C 219 3.13 -2.28 13.94
N GLN C 220 2.80 -3.47 13.44
CA GLN C 220 1.47 -4.06 13.58
C GLN C 220 0.38 -3.11 13.10
N GLY C 221 0.72 -2.25 12.13
CA GLY C 221 -0.27 -1.37 11.50
C GLY C 221 -0.26 0.06 12.05
N PHE C 222 0.58 0.36 13.05
CA PHE C 222 0.56 1.65 13.72
C PHE C 222 1.39 2.65 12.90
N GLY C 223 0.78 3.79 12.56
CA GLY C 223 1.44 4.79 11.72
C GLY C 223 0.96 6.20 12.07
N GLY C 224 1.72 7.19 11.58
CA GLY C 224 1.37 8.59 11.79
C GLY C 224 0.20 9.03 10.90
N LEU C 225 -0.73 9.78 11.50
CA LEU C 225 -1.89 10.32 10.80
C LEU C 225 -1.62 11.76 10.35
N GLY C 226 -2.02 12.06 9.12
CA GLY C 226 -2.02 13.42 8.59
C GLY C 226 -3.33 13.72 7.87
N GLY C 227 -3.53 14.99 7.51
CA GLY C 227 -4.68 15.40 6.74
C GLY C 227 -5.78 15.98 7.63
N LYS C 228 -7.04 15.71 7.29
CA LYS C 228 -8.17 16.38 7.93
C LYS C 228 -8.26 15.99 9.41
N TYR C 229 -7.68 14.83 9.77
CA TYR C 229 -7.65 14.37 11.16
C TYR C 229 -6.99 15.39 12.08
N VAL C 230 -6.02 16.17 11.58
CA VAL C 230 -5.07 16.83 12.47
C VAL C 230 -5.31 18.34 12.57
N LEU C 231 -6.25 18.91 11.81
CA LEU C 231 -6.36 20.36 11.73
C LEU C 231 -6.61 20.98 13.11
N PRO C 232 -7.64 20.59 13.89
CA PRO C 232 -7.86 21.21 15.20
C PRO C 232 -6.67 21.08 16.15
N THR C 233 -5.98 19.92 16.12
CA THR C 233 -4.80 19.71 16.95
C THR C 233 -3.71 20.69 16.51
N ALA C 234 -3.50 20.81 15.20
CA ALA C 234 -2.47 21.69 14.67
C ALA C 234 -2.72 23.14 15.09
N LEU C 235 -3.96 23.62 14.90
CA LEU C 235 -4.30 25.01 15.22
C LEU C 235 -4.07 25.28 16.70
N ALA C 236 -4.46 24.32 17.55
CA ALA C 236 -4.29 24.44 18.99
C ALA C 236 -2.81 24.58 19.35
N ASN C 237 -1.95 23.73 18.76
CA ASN C 237 -0.53 23.74 19.03
C ASN C 237 0.09 25.05 18.54
N VAL C 238 -0.28 25.50 17.34
CA VAL C 238 0.24 26.75 16.79
C VAL C 238 -0.07 27.89 17.75
N ASN C 239 -1.33 27.97 18.21
CA ASN C 239 -1.78 29.10 19.01
C ASN C 239 -1.16 29.04 20.41
N ALA C 240 -1.07 27.82 20.98
CA ALA C 240 -0.50 27.63 22.31
C ALA C 240 0.95 28.13 22.37
N PHE C 241 1.75 27.81 21.33
CA PHE C 241 3.15 28.20 21.31
C PHE C 241 3.32 29.65 20.85
N PHE C 242 2.40 30.13 20.00
CA PHE C 242 2.40 31.53 19.59
C PHE C 242 2.35 32.42 20.84
N ARG C 243 1.46 32.08 21.77
CA ARG C 243 1.26 32.87 22.98
C ARG C 243 2.38 32.63 23.99
N ARG C 244 2.89 31.39 24.08
CA ARG C 244 3.81 31.03 25.15
C ARG C 244 5.26 31.37 24.81
N CYS C 245 5.57 31.51 23.53
CA CYS C 245 6.93 31.71 23.05
C CYS C 245 7.01 32.98 22.20
N PRO C 246 6.77 34.18 22.78
CA PRO C 246 6.78 35.42 22.02
C PRO C 246 8.12 35.80 21.38
N ASP C 247 9.23 35.19 21.85
CA ASP C 247 10.55 35.46 21.30
C ASP C 247 10.83 34.59 20.07
N LYS C 248 9.85 33.78 19.65
CA LYS C 248 10.02 32.83 18.56
C LYS C 248 8.89 32.95 17.55
N LEU C 249 9.17 32.47 16.32
CA LEU C 249 8.14 32.26 15.30
C LEU C 249 7.50 30.90 15.51
N VAL C 250 6.27 30.75 15.00
CA VAL C 250 5.63 29.46 14.91
C VAL C 250 5.30 29.20 13.44
N PHE C 251 5.64 27.99 12.97
CA PHE C 251 5.23 27.52 11.65
C PHE C 251 4.08 26.53 11.84
N GLY C 252 3.08 26.60 10.97
CA GLY C 252 1.94 25.71 11.04
C GLY C 252 2.10 24.53 10.09
N CYS C 253 1.71 23.34 10.57
CA CYS C 253 1.69 22.14 9.76
C CYS C 253 0.56 21.24 10.25
N GLY C 254 -0.31 20.82 9.33
CA GLY C 254 -1.39 19.90 9.67
C GLY C 254 -2.73 20.34 9.11
N GLY C 255 -3.29 19.53 8.22
CA GLY C 255 -4.68 19.65 7.81
C GLY C 255 -4.92 20.74 6.77
N VAL C 256 -3.85 21.25 6.13
CA VAL C 256 -3.99 22.29 5.12
C VAL C 256 -4.33 21.65 3.77
N TYR C 257 -5.54 21.93 3.26
CA TYR C 257 -5.97 21.50 1.93
C TYR C 257 -6.37 22.69 1.05
N SER C 258 -6.47 23.88 1.64
CA SER C 258 -7.04 25.04 0.97
C SER C 258 -6.52 26.32 1.60
N GLY C 259 -6.78 27.45 0.93
CA GLY C 259 -6.44 28.76 1.47
C GLY C 259 -7.15 29.02 2.79
N GLU C 260 -8.34 28.44 2.98
CA GLU C 260 -9.10 28.62 4.21
C GLU C 260 -8.32 28.06 5.40
N GLU C 261 -7.80 26.83 5.30
CA GLU C 261 -7.02 26.24 6.39
C GLU C 261 -5.74 27.03 6.62
N ALA C 262 -5.11 27.50 5.54
CA ALA C 262 -3.93 28.34 5.61
C ALA C 262 -4.24 29.60 6.42
N PHE C 263 -5.37 30.24 6.10
CA PHE C 263 -5.81 31.45 6.77
C PHE C 263 -5.96 31.19 8.29
N LEU C 264 -6.55 30.05 8.65
CA LEU C 264 -6.77 29.69 10.05
C LEU C 264 -5.44 29.48 10.78
N HIS C 265 -4.47 28.82 10.13
CA HIS C 265 -3.15 28.64 10.71
C HIS C 265 -2.50 29.98 11.02
N ILE C 266 -2.55 30.92 10.07
CA ILE C 266 -1.92 32.23 10.21
C ILE C 266 -2.65 33.03 11.29
N LEU C 267 -3.98 32.96 11.30
CA LEU C 267 -4.78 33.62 12.32
C LEU C 267 -4.39 33.09 13.71
N ALA C 268 -4.02 31.79 13.78
CA ALA C 268 -3.63 31.15 15.02
C ALA C 268 -2.20 31.55 15.43
N GLY C 269 -1.39 32.03 14.47
CA GLY C 269 -0.07 32.57 14.77
C GLY C 269 1.04 32.15 13.80
N ALA C 270 0.71 31.40 12.73
CA ALA C 270 1.71 30.82 11.85
C ALA C 270 2.38 31.87 10.96
N SER C 271 3.70 31.74 10.81
CA SER C 271 4.52 32.52 9.88
C SER C 271 4.61 31.82 8.53
N MET C 272 5.08 30.56 8.54
CA MET C 272 5.04 29.71 7.36
C MET C 272 3.97 28.64 7.58
N VAL C 273 3.44 28.10 6.47
CA VAL C 273 2.39 27.09 6.49
C VAL C 273 2.87 25.91 5.64
N GLN C 274 2.98 24.72 6.25
CA GLN C 274 3.51 23.54 5.58
C GLN C 274 2.36 22.64 5.13
N VAL C 275 2.54 21.94 4.00
CA VAL C 275 1.50 21.12 3.39
C VAL C 275 2.08 19.72 3.19
N GLY C 276 1.45 18.72 3.82
CA GLY C 276 1.92 17.34 3.72
C GLY C 276 0.98 16.48 2.87
N THR C 277 -0.04 15.90 3.54
CA THR C 277 -0.96 14.95 2.91
C THR C 277 -1.55 15.51 1.62
N ALA C 278 -2.03 16.77 1.63
CA ALA C 278 -2.71 17.33 0.47
C ALA C 278 -1.76 17.43 -0.72
N LEU C 279 -0.49 17.74 -0.45
CA LEU C 279 0.55 17.82 -1.47
C LEU C 279 0.83 16.42 -2.02
N HIS C 280 0.86 15.42 -1.14
CA HIS C 280 1.07 14.03 -1.55
C HIS C 280 -0.06 13.60 -2.49
N ASP C 281 -1.28 14.07 -2.18
CA ASP C 281 -2.48 13.75 -2.95
C ASP C 281 -2.47 14.44 -4.31
N GLU C 282 -2.13 15.73 -4.35
CA GLU C 282 -2.47 16.58 -5.48
C GLU C 282 -1.26 16.92 -6.36
N GLY C 283 -0.05 16.84 -5.78
CA GLY C 283 1.17 17.26 -6.44
C GLY C 283 1.45 18.75 -6.25
N PRO C 284 2.65 19.23 -6.64
CA PRO C 284 3.08 20.60 -6.36
C PRO C 284 2.28 21.71 -7.04
N ILE C 285 1.38 21.37 -7.98
CA ILE C 285 0.48 22.35 -8.57
C ILE C 285 -0.43 22.94 -7.48
N ILE C 286 -0.59 22.24 -6.34
CA ILE C 286 -1.39 22.73 -5.22
C ILE C 286 -0.94 24.12 -4.79
N PHE C 287 0.36 24.43 -4.87
CA PHE C 287 0.86 25.69 -4.35
C PHE C 287 0.29 26.87 -5.11
N ALA C 288 0.05 26.73 -6.42
CA ALA C 288 -0.58 27.78 -7.21
C ALA C 288 -1.99 28.06 -6.69
N ARG C 289 -2.72 26.97 -6.36
CA ARG C 289 -4.08 27.04 -5.85
C ARG C 289 -4.11 27.72 -4.48
N LEU C 290 -3.20 27.32 -3.59
CA LEU C 290 -3.16 27.85 -2.23
C LEU C 290 -2.93 29.36 -2.23
N ASN C 291 -1.98 29.84 -3.06
CA ASN C 291 -1.71 31.27 -3.17
C ASN C 291 -2.97 32.03 -3.57
N LYS C 292 -3.65 31.56 -4.62
CA LYS C 292 -4.87 32.18 -5.12
C LYS C 292 -5.95 32.24 -4.05
N GLU C 293 -6.15 31.13 -3.33
CA GLU C 293 -7.24 31.01 -2.37
C GLU C 293 -7.01 31.92 -1.16
N LEU C 294 -5.75 31.99 -0.68
CA LEU C 294 -5.40 32.85 0.44
C LEU C 294 -5.54 34.32 0.02
N GLN C 295 -5.08 34.65 -1.19
CA GLN C 295 -5.22 35.99 -1.75
C GLN C 295 -6.69 36.41 -1.77
N GLU C 296 -7.58 35.47 -2.15
CA GLU C 296 -9.01 35.74 -2.24
C GLU C 296 -9.59 36.10 -0.86
N ILE C 297 -9.22 35.33 0.16
CA ILE C 297 -9.74 35.54 1.51
C ILE C 297 -9.27 36.90 2.03
N MET C 298 -7.99 37.22 1.84
CA MET C 298 -7.44 38.47 2.33
C MET C 298 -8.10 39.65 1.62
N THR C 299 -8.32 39.53 0.30
CA THR C 299 -8.99 40.56 -0.47
C THR C 299 -10.40 40.80 0.09
N ASN C 300 -11.14 39.70 0.35
CA ASN C 300 -12.50 39.77 0.89
C ASN C 300 -12.53 40.48 2.25
N LYS C 301 -11.50 40.25 3.08
CA LYS C 301 -11.47 40.75 4.46
C LYS C 301 -10.71 42.08 4.57
N GLY C 302 -10.10 42.55 3.48
CA GLY C 302 -9.40 43.83 3.45
C GLY C 302 -8.04 43.80 4.17
N TYR C 303 -7.45 42.62 4.32
CA TYR C 303 -6.13 42.48 4.91
C TYR C 303 -5.07 42.66 3.82
N LYS C 304 -4.22 43.68 3.96
CA LYS C 304 -3.23 44.00 2.95
C LYS C 304 -1.98 43.13 3.10
N THR C 305 -1.73 42.67 4.34
CA THR C 305 -0.56 41.85 4.66
C THR C 305 -0.97 40.79 5.67
N LEU C 306 -0.17 39.72 5.75
CA LEU C 306 -0.41 38.66 6.72
C LEU C 306 -0.23 39.18 8.14
N ASP C 307 0.61 40.23 8.29
CA ASP C 307 0.94 40.78 9.59
C ASP C 307 -0.26 41.45 10.24
N GLU C 308 -1.27 41.83 9.44
CA GLU C 308 -2.45 42.49 9.96
C GLU C 308 -3.31 41.51 10.76
N PHE C 309 -3.17 40.20 10.54
CA PHE C 309 -4.05 39.23 11.20
C PHE C 309 -3.32 38.05 11.84
N ARG C 310 -1.99 37.91 11.64
CA ARG C 310 -1.26 36.77 12.21
C ARG C 310 -1.42 36.77 13.72
N GLY C 311 -1.92 35.66 14.29
CA GLY C 311 -2.07 35.50 15.73
C GLY C 311 -3.22 36.32 16.31
N ARG C 312 -4.12 36.86 15.47
CA ARG C 312 -5.18 37.75 15.94
C ARG C 312 -6.53 37.03 15.99
N VAL C 313 -6.49 35.69 16.13
CA VAL C 313 -7.69 34.91 16.42
C VAL C 313 -8.39 35.53 17.63
N LYS C 314 -9.72 35.68 17.52
CA LYS C 314 -10.51 36.28 18.59
C LYS C 314 -11.01 35.18 19.53
N THR C 315 -11.05 35.47 20.83
CA THR C 315 -11.64 34.57 21.81
C THR C 315 -12.90 35.24 22.38
N MET C 316 -13.71 34.47 23.12
CA MET C 316 -14.98 34.96 23.64
C MET C 316 -14.83 35.40 25.11
N MET D 5 -29.48 2.79 -20.01
CA MET D 5 -28.37 1.80 -19.94
C MET D 5 -28.11 1.22 -21.34
N SER D 6 -26.86 1.34 -21.82
CA SER D 6 -26.47 0.81 -23.11
C SER D 6 -25.07 0.22 -23.05
N LEU D 7 -24.90 -1.01 -23.58
CA LEU D 7 -23.59 -1.63 -23.75
C LEU D 7 -23.13 -1.49 -25.20
N LYS D 8 -23.82 -0.67 -26.00
CA LYS D 8 -23.56 -0.58 -27.42
C LYS D 8 -22.15 -0.03 -27.67
N VAL D 9 -21.56 -0.49 -28.78
CA VAL D 9 -20.25 -0.06 -29.22
C VAL D 9 -20.36 0.25 -30.70
N ASN D 10 -20.02 1.49 -31.07
CA ASN D 10 -20.16 1.96 -32.44
C ASN D 10 -18.76 2.19 -33.01
N ILE D 11 -18.20 1.14 -33.66
CA ILE D 11 -16.83 1.12 -34.13
C ILE D 11 -16.77 0.39 -35.47
N LEU D 12 -15.78 0.78 -36.30
CA LEU D 12 -15.43 0.15 -37.56
C LEU D 12 -16.61 0.13 -38.54
N GLY D 13 -17.56 1.06 -38.34
CA GLY D 13 -18.73 1.20 -39.21
C GLY D 13 -19.89 0.28 -38.83
N HIS D 14 -19.77 -0.43 -37.70
CA HIS D 14 -20.80 -1.35 -37.25
C HIS D 14 -21.32 -0.90 -35.87
N GLU D 15 -22.58 -1.25 -35.58
CA GLU D 15 -23.09 -1.20 -34.21
C GLU D 15 -22.95 -2.61 -33.65
N PHE D 16 -22.41 -2.68 -32.42
CA PHE D 16 -22.35 -3.92 -31.67
C PHE D 16 -23.26 -3.76 -30.47
N SER D 17 -24.11 -4.76 -30.19
CA SER D 17 -25.06 -4.67 -29.10
C SER D 17 -24.36 -4.60 -27.74
N ASN D 18 -23.16 -5.19 -27.67
CA ASN D 18 -22.37 -5.21 -26.45
C ASN D 18 -20.91 -5.44 -26.82
N PRO D 19 -19.93 -5.23 -25.91
CA PRO D 19 -18.53 -5.29 -26.29
C PRO D 19 -17.91 -6.69 -26.28
N PHE D 20 -18.72 -7.73 -26.00
CA PHE D 20 -18.20 -9.07 -25.75
C PHE D 20 -18.15 -9.90 -27.03
N MET D 21 -17.04 -10.65 -27.16
CA MET D 21 -16.86 -11.64 -28.21
C MET D 21 -15.96 -12.76 -27.68
N ASN D 22 -15.89 -13.87 -28.43
CA ASN D 22 -14.94 -14.92 -28.14
C ASN D 22 -13.52 -14.43 -28.48
N ALA D 23 -12.54 -14.97 -27.77
CA ALA D 23 -11.15 -14.91 -28.18
C ALA D 23 -10.93 -15.88 -29.34
N ALA D 24 -10.13 -15.48 -30.34
CA ALA D 24 -9.77 -16.37 -31.43
C ALA D 24 -9.26 -17.70 -30.86
N GLY D 25 -9.74 -18.80 -31.44
CA GLY D 25 -9.36 -20.15 -31.04
C GLY D 25 -10.39 -20.84 -30.15
N VAL D 26 -11.25 -20.07 -29.47
CA VAL D 26 -12.20 -20.64 -28.53
C VAL D 26 -13.60 -20.58 -29.15
N LEU D 27 -14.23 -21.75 -29.27
CA LEU D 27 -15.59 -21.93 -29.80
C LEU D 27 -15.78 -21.19 -31.13
N CYS D 28 -14.93 -21.49 -32.12
CA CYS D 28 -14.98 -20.82 -33.42
C CYS D 28 -14.26 -21.58 -34.53
N THR D 29 -14.04 -22.90 -34.37
CA THR D 29 -13.32 -23.68 -35.37
C THR D 29 -14.29 -24.25 -36.41
N THR D 30 -15.41 -24.83 -35.96
CA THR D 30 -16.34 -25.56 -36.81
C THR D 30 -17.56 -24.70 -37.13
N GLU D 31 -18.37 -25.13 -38.10
CA GLU D 31 -19.63 -24.49 -38.41
C GLU D 31 -20.53 -24.47 -37.17
N GLU D 32 -20.53 -25.56 -36.40
CA GLU D 32 -21.33 -25.68 -35.19
C GLU D 32 -20.89 -24.67 -34.14
N ASP D 33 -19.57 -24.54 -33.94
CA ASP D 33 -19.00 -23.60 -32.97
C ASP D 33 -19.48 -22.18 -33.28
N LEU D 34 -19.35 -21.81 -34.56
CA LEU D 34 -19.65 -20.47 -35.05
C LEU D 34 -21.14 -20.19 -34.93
N ARG D 35 -21.97 -21.22 -35.19
CA ARG D 35 -23.41 -21.13 -34.98
C ARG D 35 -23.70 -20.87 -33.51
N ARG D 36 -23.01 -21.57 -32.60
CA ARG D 36 -23.22 -21.40 -31.17
C ARG D 36 -22.85 -19.98 -30.73
N MET D 37 -21.78 -19.42 -31.30
CA MET D 37 -21.36 -18.06 -30.98
C MET D 37 -22.37 -17.05 -31.51
N THR D 38 -22.85 -17.26 -32.74
CA THR D 38 -23.83 -16.39 -33.39
C THR D 38 -25.14 -16.38 -32.59
N GLU D 39 -25.52 -17.56 -32.05
CA GLU D 39 -26.76 -17.73 -31.30
C GLU D 39 -26.60 -17.17 -29.88
N SER D 40 -25.36 -16.99 -29.39
CA SER D 40 -25.13 -16.46 -28.06
C SER D 40 -25.51 -14.98 -27.98
N GLU D 41 -25.48 -14.42 -26.75
CA GLU D 41 -25.75 -13.02 -26.48
C GLU D 41 -24.52 -12.14 -26.74
N SER D 42 -23.47 -12.73 -27.33
CA SER D 42 -22.23 -12.03 -27.66
C SER D 42 -22.52 -10.87 -28.63
N GLY D 43 -21.78 -9.76 -28.48
CA GLY D 43 -21.90 -8.64 -29.40
C GLY D 43 -21.25 -8.94 -30.76
N SER D 44 -20.26 -9.85 -30.78
CA SER D 44 -19.67 -10.31 -32.03
C SER D 44 -19.00 -11.66 -31.81
N LEU D 45 -18.27 -12.10 -32.84
CA LEU D 45 -17.55 -13.36 -32.82
C LEU D 45 -16.38 -13.28 -33.79
N ILE D 46 -15.38 -14.14 -33.58
CA ILE D 46 -14.22 -14.19 -34.46
C ILE D 46 -13.95 -15.65 -34.80
N GLY D 47 -13.65 -15.91 -36.08
CA GLY D 47 -13.34 -17.26 -36.53
C GLY D 47 -11.94 -17.68 -36.06
N LYS D 48 -11.72 -19.00 -35.95
CA LYS D 48 -10.43 -19.55 -35.57
C LYS D 48 -9.33 -18.97 -36.47
N SER D 49 -8.15 -18.72 -35.90
CA SER D 49 -6.99 -18.31 -36.69
C SER D 49 -6.71 -19.41 -37.72
N CYS D 50 -6.80 -19.06 -39.01
CA CYS D 50 -6.83 -20.05 -40.07
C CYS D 50 -5.57 -19.95 -40.93
N THR D 51 -5.31 -21.01 -41.70
CA THR D 51 -4.19 -21.10 -42.62
C THR D 51 -4.75 -21.39 -44.03
N LEU D 52 -3.87 -21.33 -45.05
CA LEU D 52 -4.27 -21.41 -46.44
C LEU D 52 -4.96 -22.75 -46.72
N ALA D 53 -4.37 -23.84 -46.20
CA ALA D 53 -4.99 -25.16 -46.23
C ALA D 53 -5.41 -25.54 -44.82
N PRO D 54 -6.33 -26.51 -44.61
CA PRO D 54 -6.66 -26.97 -43.27
C PRO D 54 -5.45 -27.53 -42.52
N ARG D 55 -5.55 -27.60 -41.18
CA ARG D 55 -4.51 -28.17 -40.34
C ARG D 55 -5.17 -28.98 -39.21
N THR D 56 -4.56 -30.11 -38.84
CA THR D 56 -5.06 -30.96 -37.75
C THR D 56 -4.66 -30.37 -36.39
N GLY D 57 -3.56 -29.60 -36.38
CA GLY D 57 -3.02 -29.05 -35.15
C GLY D 57 -1.99 -29.99 -34.54
N ASN D 58 -1.65 -29.74 -33.27
CA ASN D 58 -0.63 -30.51 -32.56
C ASN D 58 -1.23 -31.79 -31.98
N PRO D 59 -0.39 -32.77 -31.59
CA PRO D 59 -0.87 -34.00 -30.95
C PRO D 59 -1.61 -33.77 -29.63
N GLU D 60 -2.62 -34.60 -29.35
CA GLU D 60 -3.37 -34.58 -28.11
C GLU D 60 -2.67 -35.34 -26.98
N PRO D 61 -2.89 -35.02 -25.68
CA PRO D 61 -3.72 -33.89 -25.26
C PRO D 61 -3.01 -32.56 -25.44
N ARG D 62 -3.74 -31.52 -25.82
CA ARG D 62 -3.12 -30.23 -26.14
C ARG D 62 -3.82 -29.07 -25.42
N TYR D 63 -4.76 -29.38 -24.51
CA TYR D 63 -5.39 -28.39 -23.64
C TYR D 63 -5.51 -28.99 -22.24
N PHE D 64 -5.22 -28.18 -21.21
CA PHE D 64 -5.42 -28.61 -19.84
C PHE D 64 -5.95 -27.42 -19.02
N GLY D 65 -7.12 -27.60 -18.40
CA GLY D 65 -7.70 -26.57 -17.55
C GLY D 65 -7.10 -26.61 -16.15
N LEU D 66 -6.84 -25.42 -15.62
CA LEU D 66 -6.15 -25.22 -14.34
C LEU D 66 -7.09 -24.46 -13.41
N PRO D 67 -6.91 -24.57 -12.07
CA PRO D 67 -7.58 -23.66 -11.15
C PRO D 67 -7.53 -22.20 -11.57
N LEU D 68 -6.38 -21.73 -12.09
CA LEU D 68 -6.16 -20.32 -12.36
C LEU D 68 -6.24 -20.00 -13.86
N GLY D 69 -6.62 -20.98 -14.69
CA GLY D 69 -6.90 -20.70 -16.08
C GLY D 69 -6.70 -21.93 -16.96
N SER D 70 -5.76 -21.82 -17.92
CA SER D 70 -5.52 -22.87 -18.89
C SER D 70 -4.08 -22.82 -19.43
N ILE D 71 -3.63 -23.98 -19.92
CA ILE D 71 -2.40 -24.07 -20.71
C ILE D 71 -2.77 -24.85 -21.97
N ASN D 72 -2.29 -24.40 -23.14
CA ASN D 72 -2.64 -25.09 -24.37
C ASN D 72 -1.51 -25.01 -25.40
N SER D 73 -1.51 -25.98 -26.31
CA SER D 73 -0.66 -25.97 -27.50
C SER D 73 -1.44 -26.56 -28.67
N MET D 74 -2.51 -25.86 -29.08
CA MET D 74 -3.42 -26.38 -30.10
C MET D 74 -2.69 -26.56 -31.44
N GLY D 75 -1.90 -25.56 -31.85
CA GLY D 75 -1.14 -25.63 -33.08
C GLY D 75 -1.97 -25.28 -34.32
N LEU D 76 -2.89 -24.31 -34.17
CA LEU D 76 -3.70 -23.78 -35.26
C LEU D 76 -4.50 -24.88 -35.96
N PRO D 77 -5.27 -25.73 -35.23
CA PRO D 77 -6.20 -26.64 -35.89
C PRO D 77 -7.35 -25.84 -36.50
N ASN D 78 -7.53 -25.92 -37.82
CA ASN D 78 -8.51 -25.09 -38.50
C ASN D 78 -8.99 -25.75 -39.79
N LEU D 79 -10.19 -25.36 -40.25
CA LEU D 79 -10.81 -25.97 -41.42
C LEU D 79 -10.33 -25.31 -42.71
N GLY D 80 -9.39 -24.36 -42.59
CA GLY D 80 -8.77 -23.74 -43.76
C GLY D 80 -9.51 -22.48 -44.18
N VAL D 81 -8.80 -21.59 -44.88
CA VAL D 81 -9.31 -20.25 -45.17
C VAL D 81 -10.59 -20.34 -46.01
N ASP D 82 -10.62 -21.25 -47.00
CA ASP D 82 -11.78 -21.40 -47.88
C ASP D 82 -13.06 -21.66 -47.08
N PHE D 83 -12.96 -22.43 -45.99
CA PHE D 83 -14.09 -22.68 -45.11
C PHE D 83 -14.58 -21.39 -44.48
N TYR D 84 -13.68 -20.62 -43.85
CA TYR D 84 -14.07 -19.42 -43.10
C TYR D 84 -14.58 -18.35 -44.06
N LEU D 85 -14.00 -18.27 -45.27
CA LEU D 85 -14.44 -17.32 -46.29
C LEU D 85 -15.85 -17.70 -46.78
N SER D 86 -16.08 -18.99 -47.02
CA SER D 86 -17.41 -19.49 -47.37
C SER D 86 -18.40 -19.20 -46.24
N TYR D 87 -17.96 -19.39 -44.99
CA TYR D 87 -18.79 -19.11 -43.82
C TYR D 87 -19.18 -17.63 -43.81
N ALA D 88 -18.19 -16.76 -44.08
CA ALA D 88 -18.37 -15.33 -44.01
C ALA D 88 -19.31 -14.85 -45.13
N ALA D 89 -19.17 -15.46 -46.32
CA ALA D 89 -19.85 -15.02 -47.53
C ALA D 89 -21.28 -15.56 -47.62
N GLN D 90 -21.52 -16.78 -47.11
CA GLN D 90 -22.74 -17.51 -47.40
C GLN D 90 -23.54 -17.82 -46.13
N THR D 91 -22.87 -18.20 -45.04
CA THR D 91 -23.51 -18.87 -43.91
C THR D 91 -23.86 -17.90 -42.78
N HIS D 92 -22.94 -16.97 -42.44
CA HIS D 92 -23.10 -16.14 -41.25
C HIS D 92 -24.31 -15.21 -41.37
N ASP D 93 -25.07 -15.08 -40.28
CA ASP D 93 -26.20 -14.16 -40.21
C ASP D 93 -25.73 -12.82 -39.63
N TYR D 94 -25.53 -11.83 -40.51
CA TYR D 94 -25.03 -10.51 -40.15
C TYR D 94 -26.12 -9.69 -39.45
N SER D 95 -27.38 -10.13 -39.51
CA SER D 95 -28.47 -9.48 -38.80
C SER D 95 -28.32 -9.71 -37.29
N ARG D 96 -27.66 -10.82 -36.91
CA ARG D 96 -27.43 -11.13 -35.51
C ARG D 96 -26.28 -10.29 -34.97
N LYS D 97 -25.13 -10.35 -35.64
CA LYS D 97 -23.94 -9.65 -35.17
C LYS D 97 -22.87 -9.63 -36.26
N PRO D 98 -21.94 -8.64 -36.23
CA PRO D 98 -20.82 -8.61 -37.15
C PRO D 98 -19.87 -9.78 -36.94
N LEU D 99 -19.05 -10.07 -37.95
CA LEU D 99 -18.10 -11.17 -37.93
C LEU D 99 -16.68 -10.67 -38.15
N PHE D 100 -15.76 -11.14 -37.29
CA PHE D 100 -14.32 -11.06 -37.53
C PHE D 100 -13.81 -12.42 -37.97
N LEU D 101 -12.78 -12.43 -38.84
CA LEU D 101 -11.97 -13.61 -39.10
C LEU D 101 -10.53 -13.33 -38.67
N SER D 102 -9.93 -14.30 -37.96
CA SER D 102 -8.51 -14.29 -37.65
C SER D 102 -7.78 -15.07 -38.74
N MET D 103 -6.70 -14.47 -39.30
CA MET D 103 -5.87 -15.13 -40.29
C MET D 103 -4.43 -15.20 -39.76
N SER D 104 -3.85 -16.41 -39.83
CA SER D 104 -2.59 -16.72 -39.19
C SER D 104 -1.75 -17.63 -40.09
N GLY D 105 -1.46 -17.16 -41.31
CA GLY D 105 -0.52 -17.83 -42.20
C GLY D 105 0.83 -18.01 -41.51
N LEU D 106 1.54 -19.10 -41.84
CA LEU D 106 2.80 -19.46 -41.21
C LEU D 106 3.98 -18.74 -41.87
N SER D 107 3.70 -17.96 -42.93
CA SER D 107 4.67 -17.08 -43.58
C SER D 107 3.94 -15.85 -44.11
N VAL D 108 4.71 -14.83 -44.49
CA VAL D 108 4.14 -13.60 -45.04
C VAL D 108 3.49 -13.91 -46.39
N GLU D 109 4.10 -14.83 -47.15
CA GLU D 109 3.58 -15.23 -48.46
C GLU D 109 2.19 -15.87 -48.32
N GLU D 110 2.03 -16.75 -47.32
CA GLU D 110 0.76 -17.41 -47.05
C GLU D 110 -0.29 -16.37 -46.65
N SER D 111 0.05 -15.49 -45.70
CA SER D 111 -0.86 -14.47 -45.22
C SER D 111 -1.31 -13.57 -46.36
N VAL D 112 -0.39 -13.21 -47.27
CA VAL D 112 -0.68 -12.35 -48.40
C VAL D 112 -1.73 -13.04 -49.28
N GLU D 113 -1.54 -14.32 -49.58
CA GLU D 113 -2.47 -15.07 -50.42
C GLU D 113 -3.85 -15.10 -49.78
N MET D 114 -3.91 -15.26 -48.46
CA MET D 114 -5.16 -15.42 -47.73
C MET D 114 -5.96 -14.11 -47.71
N VAL D 115 -5.30 -12.98 -47.47
CA VAL D 115 -6.00 -11.71 -47.29
C VAL D 115 -6.52 -11.22 -48.65
N LYS D 116 -5.84 -11.57 -49.75
CA LYS D 116 -6.33 -11.24 -51.09
C LYS D 116 -7.71 -11.83 -51.31
N LYS D 117 -7.94 -13.05 -50.80
CA LYS D 117 -9.20 -13.76 -50.96
C LYS D 117 -10.32 -13.10 -50.14
N LEU D 118 -9.96 -12.52 -48.99
CA LEU D 118 -10.95 -11.89 -48.12
C LEU D 118 -11.48 -10.59 -48.71
N VAL D 119 -10.67 -9.90 -49.54
CA VAL D 119 -10.96 -8.56 -50.03
C VAL D 119 -12.40 -8.46 -50.54
N PRO D 120 -12.83 -9.25 -51.55
CA PRO D 120 -14.21 -9.17 -52.06
C PRO D 120 -15.30 -9.45 -51.02
N ILE D 121 -15.01 -10.28 -50.01
CA ILE D 121 -15.99 -10.64 -49.00
C ILE D 121 -16.15 -9.50 -47.98
N THR D 122 -15.06 -8.81 -47.62
CA THR D 122 -15.14 -7.65 -46.76
C THR D 122 -15.99 -6.56 -47.43
N LYS D 123 -15.75 -6.34 -48.73
CA LYS D 123 -16.45 -5.33 -49.50
C LYS D 123 -17.94 -5.68 -49.63
N GLU D 124 -18.25 -6.98 -49.79
CA GLU D 124 -19.61 -7.45 -50.00
C GLU D 124 -20.36 -7.54 -48.67
N LYS D 125 -19.74 -8.14 -47.64
CA LYS D 125 -20.45 -8.57 -46.44
C LYS D 125 -20.03 -7.77 -45.20
N GLY D 126 -18.86 -7.13 -45.22
CA GLY D 126 -18.40 -6.30 -44.11
C GLY D 126 -17.54 -7.07 -43.11
N THR D 127 -17.08 -8.27 -43.49
CA THR D 127 -16.26 -9.12 -42.64
C THR D 127 -14.96 -8.37 -42.30
N ILE D 128 -14.57 -8.43 -41.01
CA ILE D 128 -13.41 -7.71 -40.48
C ILE D 128 -12.24 -8.68 -40.28
N LEU D 129 -11.01 -8.26 -40.67
CA LEU D 129 -9.78 -9.04 -40.54
C LEU D 129 -9.05 -8.70 -39.23
N GLU D 130 -8.70 -9.75 -38.46
CA GLU D 130 -7.71 -9.71 -37.39
C GLU D 130 -6.51 -10.54 -37.84
N LEU D 131 -5.37 -9.88 -38.12
CA LEU D 131 -4.12 -10.55 -38.49
C LEU D 131 -3.40 -11.01 -37.23
N ASN D 132 -3.15 -12.33 -37.11
CA ASN D 132 -2.51 -12.92 -35.93
C ASN D 132 -0.99 -12.81 -36.04
N LEU D 133 -0.37 -12.05 -35.13
CA LEU D 133 1.08 -11.92 -35.06
C LEU D 133 1.64 -12.58 -33.79
N SER D 134 0.87 -13.52 -33.22
N SER D 134 0.86 -13.47 -33.15
CA SER D 134 1.11 -14.08 -31.91
CA SER D 134 1.30 -14.21 -31.99
C SER D 134 0.60 -15.52 -31.86
C SER D 134 1.59 -15.65 -32.38
N ALA D 135 1.28 -16.42 -32.57
N ALA D 135 0.63 -16.56 -32.15
CA ALA D 135 0.94 -17.84 -32.59
CA ALA D 135 0.78 -17.96 -32.52
C ALA D 135 2.04 -18.64 -31.89
C ALA D 135 2.03 -18.55 -31.88
N PRO D 136 2.00 -18.74 -30.54
CA PRO D 136 3.10 -19.32 -29.77
C PRO D 136 3.23 -20.84 -29.78
N ASN D 137 2.26 -21.55 -30.38
CA ASN D 137 2.18 -23.00 -30.26
C ASN D 137 2.48 -23.72 -31.57
N VAL D 138 3.01 -23.01 -32.58
CA VAL D 138 3.40 -23.64 -33.83
C VAL D 138 4.86 -24.09 -33.70
N PRO D 139 5.15 -25.41 -33.75
CA PRO D 139 6.53 -25.89 -33.67
C PRO D 139 7.43 -25.26 -34.74
N GLY D 140 8.50 -24.60 -34.29
CA GLY D 140 9.55 -24.09 -35.17
C GLY D 140 9.26 -22.70 -35.75
N LYS D 141 8.17 -22.05 -35.28
CA LYS D 141 7.78 -20.74 -35.79
C LYS D 141 7.74 -19.74 -34.64
N PRO D 142 8.73 -18.82 -34.54
CA PRO D 142 8.71 -17.80 -33.50
C PRO D 142 7.49 -16.89 -33.61
N GLN D 143 7.11 -16.24 -32.50
CA GLN D 143 6.02 -15.27 -32.52
C GLN D 143 6.48 -14.03 -33.28
N VAL D 144 5.80 -13.73 -34.39
CA VAL D 144 6.15 -12.63 -35.28
C VAL D 144 6.24 -11.31 -34.50
N GLY D 145 5.30 -11.05 -33.58
CA GLY D 145 5.24 -9.80 -32.84
C GLY D 145 6.45 -9.51 -31.94
N TYR D 146 7.33 -10.49 -31.72
CA TYR D 146 8.54 -10.30 -30.93
C TYR D 146 9.74 -9.95 -31.81
N ASP D 147 9.51 -9.91 -33.13
CA ASP D 147 10.51 -9.45 -34.09
C ASP D 147 9.92 -8.27 -34.86
N PHE D 148 10.39 -7.05 -34.54
CA PHE D 148 9.76 -5.84 -35.05
C PHE D 148 10.07 -5.65 -36.55
N ASP D 149 11.19 -6.21 -37.04
CA ASP D 149 11.50 -6.15 -38.45
C ASP D 149 10.56 -7.05 -39.25
N THR D 150 10.35 -8.28 -38.76
CA THR D 150 9.41 -9.22 -39.36
C THR D 150 8.00 -8.62 -39.31
N THR D 151 7.61 -8.08 -38.15
CA THR D 151 6.30 -7.46 -37.99
C THR D 151 6.11 -6.35 -39.03
N ARG D 152 7.14 -5.52 -39.24
CA ARG D 152 7.08 -4.42 -40.21
C ARG D 152 6.82 -4.99 -41.61
N THR D 153 7.53 -6.06 -41.99
CA THR D 153 7.36 -6.68 -43.30
C THR D 153 5.93 -7.18 -43.49
N TYR D 154 5.39 -7.87 -42.47
CA TYR D 154 4.05 -8.43 -42.52
C TYR D 154 3.00 -7.33 -42.72
N LEU D 155 3.14 -6.24 -41.96
CA LEU D 155 2.20 -5.13 -42.02
C LEU D 155 2.29 -4.44 -43.38
N GLN D 156 3.51 -4.30 -43.92
CA GLN D 156 3.73 -3.72 -45.24
C GLN D 156 2.97 -4.53 -46.29
N LYS D 157 3.23 -5.84 -46.31
CA LYS D 157 2.74 -6.73 -47.37
C LYS D 157 1.23 -6.95 -47.26
N VAL D 158 0.70 -7.02 -46.03
CA VAL D 158 -0.74 -7.19 -45.83
C VAL D 158 -1.45 -5.88 -46.17
N SER D 159 -0.88 -4.72 -45.81
CA SER D 159 -1.47 -3.43 -46.13
C SER D 159 -1.63 -3.29 -47.64
N GLU D 160 -0.59 -3.70 -48.38
CA GLU D 160 -0.56 -3.61 -49.84
C GLU D 160 -1.56 -4.59 -50.46
N ALA D 161 -1.62 -5.82 -49.93
CA ALA D 161 -2.40 -6.89 -50.53
C ALA D 161 -3.88 -6.78 -50.17
N TYR D 162 -4.20 -6.41 -48.93
CA TYR D 162 -5.57 -6.35 -48.45
C TYR D 162 -6.16 -4.98 -48.79
N GLY D 163 -5.44 -3.90 -48.45
CA GLY D 163 -5.77 -2.54 -48.88
C GLY D 163 -6.94 -1.92 -48.13
N LEU D 164 -7.39 -2.58 -47.05
CA LEU D 164 -8.56 -2.16 -46.30
C LEU D 164 -8.19 -2.11 -44.82
N PRO D 165 -8.96 -1.40 -43.97
CA PRO D 165 -8.71 -1.39 -42.53
C PRO D 165 -8.75 -2.78 -41.91
N PHE D 166 -7.78 -3.09 -41.04
CA PHE D 166 -7.72 -4.39 -40.41
C PHE D 166 -7.14 -4.22 -39.00
N GLY D 167 -7.11 -5.33 -38.25
CA GLY D 167 -6.58 -5.33 -36.91
C GLY D 167 -5.50 -6.39 -36.74
N VAL D 168 -4.79 -6.31 -35.60
CA VAL D 168 -3.67 -7.19 -35.32
C VAL D 168 -3.86 -7.79 -33.92
N LYS D 169 -3.56 -9.09 -33.79
CA LYS D 169 -3.52 -9.78 -32.52
C LYS D 169 -2.06 -9.82 -32.06
N MET D 170 -1.77 -9.19 -30.91
CA MET D 170 -0.41 -9.00 -30.47
C MET D 170 -0.07 -10.01 -29.37
N PRO D 171 1.20 -10.47 -29.30
CA PRO D 171 1.67 -11.18 -28.12
C PRO D 171 1.84 -10.19 -26.97
N PRO D 172 1.82 -10.63 -25.70
CA PRO D 172 2.03 -9.71 -24.61
C PRO D 172 3.47 -9.22 -24.53
N TYR D 173 3.67 -7.93 -24.19
CA TYR D 173 4.99 -7.38 -23.94
C TYR D 173 5.16 -7.13 -22.45
N PHE D 174 6.41 -7.14 -21.98
CA PHE D 174 6.73 -7.11 -20.55
C PHE D 174 7.80 -6.06 -20.23
N ASP D 175 8.05 -5.16 -21.18
CA ASP D 175 9.13 -4.18 -21.07
C ASP D 175 8.67 -2.89 -21.75
N ILE D 176 8.88 -1.75 -21.07
CA ILE D 176 8.40 -0.47 -21.58
C ILE D 176 9.02 -0.17 -22.95
N ALA D 177 10.31 -0.54 -23.12
CA ALA D 177 10.99 -0.33 -24.39
C ALA D 177 10.31 -1.12 -25.51
N HIS D 178 9.74 -2.29 -25.17
CA HIS D 178 9.03 -3.12 -26.15
C HIS D 178 7.67 -2.51 -26.51
N PHE D 179 6.94 -1.96 -25.53
CA PHE D 179 5.72 -1.22 -25.83
C PHE D 179 6.04 -0.12 -26.84
N ASP D 180 7.14 0.60 -26.61
CA ASP D 180 7.57 1.69 -27.47
C ASP D 180 7.91 1.18 -28.86
N MET D 181 8.68 0.09 -28.95
CA MET D 181 9.12 -0.42 -30.24
C MET D 181 7.93 -0.95 -31.04
N ALA D 182 7.02 -1.66 -30.36
CA ALA D 182 5.83 -2.21 -30.99
C ALA D 182 4.93 -1.09 -31.51
N ALA D 183 4.73 -0.05 -30.69
CA ALA D 183 3.91 1.08 -31.08
C ALA D 183 4.51 1.82 -32.28
N ALA D 184 5.85 1.93 -32.31
CA ALA D 184 6.54 2.63 -33.39
C ALA D 184 6.29 1.95 -34.74
N VAL D 185 6.23 0.61 -34.76
CA VAL D 185 5.89 -0.15 -35.96
C VAL D 185 4.42 0.09 -36.29
N LEU D 186 3.52 -0.20 -35.34
CA LEU D 186 2.08 -0.15 -35.56
C LEU D 186 1.65 1.23 -36.08
N ASN D 187 2.25 2.31 -35.54
CA ASN D 187 1.86 3.67 -35.87
C ASN D 187 2.32 4.08 -37.27
N ASP D 188 3.15 3.24 -37.92
CA ASP D 188 3.58 3.48 -39.29
C ASP D 188 2.59 2.95 -40.32
N PHE D 189 1.53 2.25 -39.87
CA PHE D 189 0.58 1.60 -40.76
C PHE D 189 -0.82 2.14 -40.51
N PRO D 190 -1.28 3.14 -41.29
CA PRO D 190 -2.61 3.71 -41.07
C PRO D 190 -3.76 2.71 -41.17
N LEU D 191 -3.58 1.63 -41.96
CA LEU D 191 -4.65 0.67 -42.19
C LEU D 191 -4.88 -0.22 -40.96
N VAL D 192 -3.92 -0.27 -40.04
CA VAL D 192 -4.15 -0.98 -38.78
C VAL D 192 -5.03 -0.10 -37.89
N LYS D 193 -6.29 -0.51 -37.71
CA LYS D 193 -7.29 0.31 -37.02
C LYS D 193 -7.66 -0.25 -35.65
N PHE D 194 -7.24 -1.49 -35.35
CA PHE D 194 -7.39 -2.02 -34.00
C PHE D 194 -6.24 -2.97 -33.67
N ILE D 195 -5.97 -3.04 -32.36
CA ILE D 195 -4.93 -3.86 -31.76
C ILE D 195 -5.60 -4.72 -30.70
N THR D 196 -5.44 -6.06 -30.77
CA THR D 196 -5.99 -6.94 -29.76
C THR D 196 -4.87 -7.35 -28.80
N CYS D 197 -5.03 -6.96 -27.53
CA CYS D 197 -4.08 -7.23 -26.46
C CYS D 197 -4.79 -8.05 -25.37
N VAL D 198 -4.40 -9.30 -25.12
CA VAL D 198 -3.19 -9.96 -25.60
C VAL D 198 -3.52 -11.41 -25.98
N ASN D 199 -2.61 -12.02 -26.74
CA ASN D 199 -2.60 -13.47 -26.88
C ASN D 199 -2.06 -14.09 -25.60
N SER D 200 -2.04 -15.43 -25.54
CA SER D 200 -1.54 -16.21 -24.41
C SER D 200 -0.17 -15.71 -23.96
N ILE D 201 0.11 -15.84 -22.65
CA ILE D 201 1.48 -15.75 -22.18
C ILE D 201 2.20 -17.01 -22.63
N GLY D 202 3.14 -16.84 -23.57
CA GLY D 202 3.73 -17.94 -24.31
C GLY D 202 4.60 -18.85 -23.45
N ASN D 203 4.54 -20.14 -23.77
CA ASN D 203 5.57 -21.12 -23.44
C ASN D 203 5.75 -21.20 -21.92
N GLY D 204 4.63 -21.31 -21.21
CA GLY D 204 4.62 -21.74 -19.81
C GLY D 204 4.71 -23.26 -19.73
N LEU D 205 4.92 -23.78 -18.52
CA LEU D 205 5.06 -25.21 -18.29
C LEU D 205 4.33 -25.59 -17.00
N VAL D 206 3.38 -26.53 -17.13
CA VAL D 206 2.66 -27.06 -15.99
C VAL D 206 3.03 -28.54 -15.82
N ILE D 207 3.32 -28.93 -14.57
CA ILE D 207 3.74 -30.27 -14.21
C ILE D 207 2.81 -30.79 -13.11
N ASP D 208 2.30 -32.01 -13.29
CA ASP D 208 1.52 -32.70 -12.28
C ASP D 208 2.47 -33.32 -11.26
N PRO D 209 2.44 -32.91 -9.97
CA PRO D 209 3.34 -33.48 -8.97
C PRO D 209 3.07 -34.96 -8.68
N ALA D 210 1.81 -35.39 -8.87
CA ALA D 210 1.40 -36.76 -8.62
C ALA D 210 2.21 -37.75 -9.48
N ASN D 211 2.30 -37.49 -10.79
CA ASN D 211 2.94 -38.42 -11.73
C ASN D 211 4.23 -37.84 -12.31
N GLU D 212 4.63 -36.64 -11.84
CA GLU D 212 5.86 -35.98 -12.26
C GLU D 212 5.90 -35.76 -13.78
N THR D 213 4.72 -35.59 -14.41
CA THR D 213 4.62 -35.49 -15.87
C THR D 213 3.96 -34.16 -16.24
N VAL D 214 4.37 -33.60 -17.38
CA VAL D 214 3.74 -32.44 -17.98
C VAL D 214 2.30 -32.80 -18.36
N VAL D 215 1.44 -31.79 -18.52
CA VAL D 215 -0.01 -32.01 -18.62
C VAL D 215 -0.50 -31.91 -20.07
N ILE D 216 0.36 -31.45 -21.00
CA ILE D 216 0.07 -31.50 -22.43
C ILE D 216 1.24 -32.13 -23.18
N LYS D 217 0.95 -32.68 -24.36
CA LYS D 217 1.90 -33.48 -25.11
C LYS D 217 2.87 -32.62 -25.94
N PRO D 218 2.40 -31.64 -26.74
CA PRO D 218 3.31 -30.92 -27.63
C PRO D 218 4.43 -30.18 -26.92
N LYS D 219 5.56 -30.01 -27.62
CA LYS D 219 6.68 -29.16 -27.23
C LYS D 219 7.13 -29.41 -25.79
N GLN D 220 7.26 -30.69 -25.41
CA GLN D 220 7.76 -31.06 -24.09
C GLN D 220 6.93 -30.43 -22.97
N GLY D 221 5.65 -30.13 -23.26
CA GLY D 221 4.72 -29.61 -22.27
C GLY D 221 4.60 -28.09 -22.27
N PHE D 222 5.36 -27.40 -23.15
CA PHE D 222 5.37 -25.94 -23.19
C PHE D 222 4.14 -25.46 -23.96
N GLY D 223 3.36 -24.56 -23.34
CA GLY D 223 2.10 -24.10 -23.91
C GLY D 223 1.74 -22.69 -23.47
N GLY D 224 0.80 -22.08 -24.20
CA GLY D 224 0.30 -20.73 -23.89
C GLY D 224 -0.61 -20.75 -22.66
N LEU D 225 -0.41 -19.77 -21.77
CA LEU D 225 -1.21 -19.61 -20.57
C LEU D 225 -2.35 -18.63 -20.85
N GLY D 226 -3.55 -18.97 -20.36
CA GLY D 226 -4.68 -18.05 -20.36
C GLY D 226 -5.41 -18.07 -19.02
N GLY D 227 -6.39 -17.18 -18.88
CA GLY D 227 -7.23 -17.13 -17.70
C GLY D 227 -6.69 -16.14 -16.67
N LYS D 228 -6.81 -16.49 -15.38
CA LYS D 228 -6.51 -15.56 -14.31
C LYS D 228 -5.03 -15.19 -14.30
N TYR D 229 -4.19 -16.06 -14.87
CA TYR D 229 -2.76 -15.83 -14.96
C TYR D 229 -2.43 -14.51 -15.67
N VAL D 230 -3.26 -14.11 -16.64
CA VAL D 230 -2.86 -13.12 -17.64
C VAL D 230 -3.53 -11.76 -17.44
N LEU D 231 -4.41 -11.60 -16.44
CA LEU D 231 -5.21 -10.38 -16.33
C LEU D 231 -4.31 -9.15 -16.20
N PRO D 232 -3.37 -9.07 -15.22
CA PRO D 232 -2.54 -7.88 -15.09
C PRO D 232 -1.71 -7.56 -16.34
N THR D 233 -1.17 -8.61 -16.99
CA THR D 233 -0.45 -8.45 -18.24
C THR D 233 -1.37 -7.86 -19.30
N ALA D 234 -2.58 -8.39 -19.42
CA ALA D 234 -3.53 -7.95 -20.44
C ALA D 234 -3.89 -6.48 -20.23
N LEU D 235 -4.23 -6.10 -18.99
CA LEU D 235 -4.60 -4.73 -18.68
C LEU D 235 -3.44 -3.79 -19.02
N ALA D 236 -2.20 -4.19 -18.70
CA ALA D 236 -1.02 -3.39 -18.96
C ALA D 236 -0.86 -3.13 -20.46
N ASN D 237 -0.99 -4.19 -21.26
CA ASN D 237 -0.83 -4.09 -22.70
C ASN D 237 -1.95 -3.22 -23.29
N VAL D 238 -3.20 -3.47 -22.87
CA VAL D 238 -4.34 -2.67 -23.31
C VAL D 238 -4.06 -1.19 -23.09
N ASN D 239 -3.67 -0.83 -21.86
CA ASN D 239 -3.50 0.58 -21.49
C ASN D 239 -2.30 1.19 -22.21
N ALA D 240 -1.20 0.43 -22.33
CA ALA D 240 0.02 0.91 -22.98
C ALA D 240 -0.25 1.30 -24.43
N PHE D 241 -0.98 0.44 -25.16
CA PHE D 241 -1.26 0.67 -26.57
C PHE D 241 -2.38 1.69 -26.73
N PHE D 242 -3.34 1.71 -25.79
CA PHE D 242 -4.40 2.71 -25.79
C PHE D 242 -3.79 4.12 -25.83
N ARG D 243 -2.78 4.34 -24.98
CA ARG D 243 -2.12 5.64 -24.88
C ARG D 243 -1.24 5.93 -26.09
N ARG D 244 -0.56 4.92 -26.63
CA ARG D 244 0.46 5.12 -27.64
C ARG D 244 -0.10 5.18 -29.07
N CYS D 245 -1.30 4.63 -29.27
CA CYS D 245 -1.88 4.46 -30.60
C CYS D 245 -3.29 5.07 -30.62
N PRO D 246 -3.44 6.41 -30.45
CA PRO D 246 -4.76 7.03 -30.38
C PRO D 246 -5.62 6.94 -31.64
N ASP D 247 -5.00 6.63 -32.78
CA ASP D 247 -5.68 6.47 -34.05
C ASP D 247 -6.24 5.05 -34.19
N LYS D 248 -5.95 4.19 -33.20
CA LYS D 248 -6.36 2.79 -33.24
C LYS D 248 -7.25 2.51 -32.03
N LEU D 249 -8.20 1.58 -32.20
CA LEU D 249 -8.95 1.03 -31.09
C LEU D 249 -8.14 -0.13 -30.52
N VAL D 250 -8.32 -0.38 -29.22
CA VAL D 250 -7.71 -1.55 -28.59
C VAL D 250 -8.84 -2.48 -28.17
N PHE D 251 -8.67 -3.77 -28.46
CA PHE D 251 -9.54 -4.83 -27.98
C PHE D 251 -8.81 -5.54 -26.85
N GLY D 252 -9.51 -5.73 -25.72
CA GLY D 252 -8.94 -6.39 -24.57
C GLY D 252 -9.19 -7.89 -24.62
N CYS D 253 -8.17 -8.65 -24.27
CA CYS D 253 -8.26 -10.11 -24.21
C CYS D 253 -7.30 -10.59 -23.13
N GLY D 254 -7.84 -11.32 -22.15
CA GLY D 254 -7.02 -11.92 -21.11
C GLY D 254 -7.68 -11.79 -19.74
N GLY D 255 -8.05 -12.95 -19.17
CA GLY D 255 -8.39 -13.01 -17.75
C GLY D 255 -9.82 -12.59 -17.43
N VAL D 256 -10.71 -12.53 -18.44
CA VAL D 256 -12.08 -12.11 -18.22
C VAL D 256 -12.93 -13.30 -17.79
N TYR D 257 -13.42 -13.27 -16.54
CA TYR D 257 -14.32 -14.26 -15.98
C TYR D 257 -15.65 -13.67 -15.53
N SER D 258 -15.73 -12.33 -15.50
CA SER D 258 -16.83 -11.65 -14.84
C SER D 258 -16.96 -10.24 -15.42
N GLY D 259 -18.09 -9.58 -15.14
CA GLY D 259 -18.28 -8.18 -15.51
C GLY D 259 -17.19 -7.28 -14.93
N GLU D 260 -16.63 -7.65 -13.76
CA GLU D 260 -15.62 -6.85 -13.10
C GLU D 260 -14.36 -6.75 -13.94
N GLU D 261 -13.87 -7.90 -14.45
CA GLU D 261 -12.69 -7.90 -15.33
C GLU D 261 -13.00 -7.18 -16.64
N ALA D 262 -14.23 -7.36 -17.15
CA ALA D 262 -14.67 -6.65 -18.35
C ALA D 262 -14.62 -5.14 -18.13
N PHE D 263 -15.11 -4.70 -16.97
CA PHE D 263 -15.11 -3.29 -16.58
C PHE D 263 -13.69 -2.75 -16.55
N LEU D 264 -12.76 -3.52 -15.97
CA LEU D 264 -11.37 -3.12 -15.85
C LEU D 264 -10.72 -2.97 -17.22
N HIS D 265 -11.00 -3.91 -18.14
CA HIS D 265 -10.47 -3.84 -19.50
C HIS D 265 -10.92 -2.55 -20.19
N ILE D 266 -12.21 -2.22 -20.09
CA ILE D 266 -12.78 -1.05 -20.74
C ILE D 266 -12.21 0.22 -20.10
N LEU D 267 -12.10 0.23 -18.77
CA LEU D 267 -11.49 1.32 -18.02
C LEU D 267 -10.04 1.56 -18.50
N ALA D 268 -9.32 0.47 -18.82
CA ALA D 268 -7.95 0.56 -19.29
C ALA D 268 -7.85 1.06 -20.74
N GLY D 269 -8.96 0.98 -21.51
CA GLY D 269 -8.99 1.53 -22.86
C GLY D 269 -9.69 0.63 -23.89
N ALA D 270 -10.13 -0.57 -23.49
CA ALA D 270 -10.67 -1.54 -24.44
C ALA D 270 -12.01 -1.08 -25.01
N SER D 271 -12.16 -1.22 -26.34
CA SER D 271 -13.40 -1.01 -27.05
C SER D 271 -14.26 -2.27 -27.00
N MET D 272 -13.66 -3.40 -27.42
CA MET D 272 -14.28 -4.72 -27.34
C MET D 272 -13.49 -5.56 -26.33
N VAL D 273 -14.17 -6.59 -25.76
CA VAL D 273 -13.60 -7.43 -24.72
C VAL D 273 -13.75 -8.89 -25.15
N GLN D 274 -12.64 -9.62 -25.28
CA GLN D 274 -12.66 -10.99 -25.77
C GLN D 274 -12.54 -11.95 -24.59
N VAL D 275 -13.18 -13.13 -24.71
CA VAL D 275 -13.24 -14.10 -23.64
C VAL D 275 -12.76 -15.45 -24.18
N GLY D 276 -11.69 -15.99 -23.57
CA GLY D 276 -11.07 -17.23 -24.02
C GLY D 276 -11.31 -18.37 -23.03
N THR D 277 -10.41 -18.50 -22.04
CA THR D 277 -10.42 -19.61 -21.11
C THR D 277 -11.79 -19.75 -20.43
N ALA D 278 -12.35 -18.65 -19.91
CA ALA D 278 -13.62 -18.70 -19.19
C ALA D 278 -14.76 -19.22 -20.08
N LEU D 279 -14.71 -18.86 -21.37
CA LEU D 279 -15.66 -19.34 -22.37
C LEU D 279 -15.47 -20.84 -22.60
N HIS D 280 -14.22 -21.27 -22.77
CA HIS D 280 -13.89 -22.68 -22.96
C HIS D 280 -14.46 -23.49 -21.81
N ASP D 281 -14.38 -22.93 -20.60
CA ASP D 281 -14.85 -23.56 -19.37
C ASP D 281 -16.38 -23.56 -19.30
N GLU D 282 -17.00 -22.38 -19.34
CA GLU D 282 -18.39 -22.17 -18.95
C GLU D 282 -19.36 -22.42 -20.12
N GLY D 283 -18.88 -22.23 -21.35
CA GLY D 283 -19.72 -22.29 -22.53
C GLY D 283 -20.34 -20.93 -22.85
N PRO D 284 -21.02 -20.78 -24.00
CA PRO D 284 -21.50 -19.47 -24.46
C PRO D 284 -22.60 -18.80 -23.61
N ILE D 285 -23.14 -19.52 -22.61
CA ILE D 285 -24.00 -18.91 -21.59
C ILE D 285 -23.27 -17.76 -20.90
N ILE D 286 -21.93 -17.82 -20.83
CA ILE D 286 -21.15 -16.80 -20.14
C ILE D 286 -21.52 -15.39 -20.62
N PHE D 287 -21.82 -15.22 -21.91
CA PHE D 287 -21.99 -13.90 -22.50
C PHE D 287 -23.22 -13.20 -21.91
N ALA D 288 -24.28 -13.97 -21.63
CA ALA D 288 -25.47 -13.47 -20.95
C ALA D 288 -25.12 -12.98 -19.55
N ARG D 289 -24.28 -13.76 -18.84
CA ARG D 289 -23.82 -13.42 -17.51
C ARG D 289 -23.00 -12.13 -17.53
N LEU D 290 -22.12 -11.99 -18.53
CA LEU D 290 -21.20 -10.86 -18.61
C LEU D 290 -21.96 -9.56 -18.85
N ASN D 291 -22.95 -9.61 -19.76
CA ASN D 291 -23.83 -8.49 -20.04
C ASN D 291 -24.50 -8.00 -18.76
N LYS D 292 -25.13 -8.92 -18.03
CA LYS D 292 -25.83 -8.60 -16.79
C LYS D 292 -24.86 -8.00 -15.77
N GLU D 293 -23.69 -8.63 -15.60
CA GLU D 293 -22.73 -8.22 -14.58
C GLU D 293 -22.15 -6.85 -14.89
N LEU D 294 -21.84 -6.58 -16.16
CA LEU D 294 -21.29 -5.29 -16.57
C LEU D 294 -22.33 -4.19 -16.34
N GLN D 295 -23.58 -4.48 -16.69
CA GLN D 295 -24.69 -3.54 -16.49
C GLN D 295 -24.89 -3.23 -15.01
N GLU D 296 -24.75 -4.24 -14.14
CA GLU D 296 -24.89 -4.06 -12.70
C GLU D 296 -23.85 -3.08 -12.17
N ILE D 297 -22.59 -3.26 -12.58
CA ILE D 297 -21.49 -2.40 -12.15
C ILE D 297 -21.76 -0.96 -12.62
N MET D 298 -22.15 -0.82 -13.89
CA MET D 298 -22.40 0.48 -14.48
C MET D 298 -23.53 1.20 -13.73
N THR D 299 -24.58 0.44 -13.35
CA THR D 299 -25.73 0.99 -12.65
C THR D 299 -25.27 1.52 -11.28
N ASN D 300 -24.45 0.74 -10.55
CA ASN D 300 -23.96 1.12 -9.23
C ASN D 300 -23.09 2.38 -9.28
N LYS D 301 -22.39 2.61 -10.41
CA LYS D 301 -21.48 3.74 -10.56
C LYS D 301 -22.10 4.89 -11.36
N GLY D 302 -23.37 4.76 -11.77
CA GLY D 302 -24.08 5.82 -12.47
C GLY D 302 -23.54 6.08 -13.88
N TYR D 303 -23.07 5.03 -14.55
CA TYR D 303 -22.68 5.09 -15.96
C TYR D 303 -23.83 4.55 -16.80
N LYS D 304 -24.15 5.24 -17.91
CA LYS D 304 -25.24 4.86 -18.80
C LYS D 304 -24.73 4.32 -20.14
N THR D 305 -23.44 4.56 -20.43
CA THR D 305 -22.81 4.15 -21.67
C THR D 305 -21.36 3.79 -21.36
N LEU D 306 -20.73 3.00 -22.25
CA LEU D 306 -19.33 2.60 -22.07
C LEU D 306 -18.39 3.79 -22.25
N ASP D 307 -18.79 4.74 -23.11
CA ASP D 307 -18.00 5.94 -23.40
C ASP D 307 -17.77 6.78 -22.14
N GLU D 308 -18.61 6.60 -21.12
CA GLU D 308 -18.51 7.38 -19.89
C GLU D 308 -17.25 7.02 -19.08
N PHE D 309 -16.71 5.81 -19.24
CA PHE D 309 -15.58 5.39 -18.43
C PHE D 309 -14.50 4.67 -19.25
N ARG D 310 -14.71 4.42 -20.55
CA ARG D 310 -13.69 3.80 -21.38
C ARG D 310 -12.41 4.65 -21.35
N GLY D 311 -11.30 4.02 -20.94
CA GLY D 311 -9.98 4.63 -20.98
C GLY D 311 -9.78 5.68 -19.89
N ARG D 312 -10.65 5.70 -18.89
CA ARG D 312 -10.61 6.72 -17.84
C ARG D 312 -9.97 6.21 -16.55
N VAL D 313 -9.18 5.12 -16.64
CA VAL D 313 -8.41 4.64 -15.49
C VAL D 313 -7.62 5.82 -14.90
N LYS D 314 -7.61 5.92 -13.57
CA LYS D 314 -6.93 7.00 -12.88
C LYS D 314 -5.54 6.56 -12.41
N THR D 315 -4.56 7.47 -12.53
CA THR D 315 -3.22 7.24 -12.01
C THR D 315 -3.00 8.21 -10.86
N MET D 316 -2.02 7.91 -10.00
CA MET D 316 -1.79 8.70 -8.80
C MET D 316 -0.83 9.84 -9.11
N ASP D 317 -1.10 11.03 -8.54
CA ASP D 317 -0.26 12.20 -8.74
C ASP D 317 1.05 12.05 -7.95
#